data_9JDC
#
_entry.id   9JDC
#
_cell.length_a   1.00
_cell.length_b   1.00
_cell.length_c   1.00
_cell.angle_alpha   90.00
_cell.angle_beta   90.00
_cell.angle_gamma   90.00
#
_symmetry.space_group_name_H-M   'P 1'
#
loop_
_entity.id
_entity.type
_entity.pdbx_description
1 polymer 'Catalase easC'
2 non-polymer 'PROTOPORPHYRIN IX CONTAINING FE'
3 non-polymer '(2~{S})-2-(methylamino)-3-[4-[(1~{E})-3-methylbuta-1,3-dienyl]-1~{H}-indol-3-yl]propanoic acid'
#
_entity_poly.entity_id   1
_entity_poly.type   'polypeptide(L)'
_entity_poly.pdbx_seq_one_letter_code
;MASQVSLTAQGSGLSAPLNGPEHLTSTTVENDPRLLDILSRFNREKIPERAVHARGAGAYGEFEVTHDVSDICDIDMLLG
IGKKTPCAVRFSTTALERGSAESVRDVKGMAIKLFTGDGEWDWVCLNIPMFFIRDPSKFPDLVHAQRPDPATNLANPAAW
WEFVCNNHESLHMAVFLFTDFGTMFDYRSMSGYVSHAYKWVMPDGTWKYVHWFLASDQGPNFEQGNQTREAAPNDSESAT
RDLYQSLERGECPSWTVKVQVIDPEDAPRLAFNILDVSKHWNLGNYPPDIPVIPERCVGKLTLKKGPENYFEEIEKLAFS
PSHLVHGVEPSEDPMLQARLFAYPDAQEHRLGPQFSDMAAKRTGHAANDAPKTKKPAVPLQKQSREHAEWVSQVTSSSWS
QPNETDYKFPRELWAALPRLRGEEFQNRLVVNMAESVSQIPEDLRQKVYKTLALVAEDLASRVESLTEEMVVPEQRPRL
;
_entity_poly.pdbx_strand_id   A,B
#
# COMPACT_ATOMS: atom_id res chain seq x y z
N GLU A 30 -0.02 -27.08 16.01
CA GLU A 30 -0.32 -26.06 17.04
C GLU A 30 0.04 -26.69 18.39
N ASN A 31 -0.59 -26.29 19.49
CA ASN A 31 -0.40 -27.00 20.79
C ASN A 31 0.97 -26.70 21.45
N ASP A 32 2.09 -26.72 20.73
CA ASP A 32 3.40 -26.51 21.32
C ASP A 32 3.48 -25.08 21.82
N PRO A 33 3.81 -24.85 23.09
CA PRO A 33 3.88 -23.46 23.59
C PRO A 33 4.89 -22.61 22.82
N ARG A 34 6.00 -23.18 22.38
CA ARG A 34 6.97 -22.43 21.60
C ARG A 34 6.38 -21.97 20.27
N LEU A 35 5.68 -22.87 19.58
CA LEU A 35 5.04 -22.51 18.31
C LEU A 35 3.96 -21.46 18.53
N LEU A 36 3.17 -21.62 19.60
CA LEU A 36 2.13 -20.63 19.89
C LEU A 36 2.74 -19.26 20.14
N ASP A 37 3.83 -19.21 20.91
CA ASP A 37 4.50 -17.93 21.15
C ASP A 37 5.03 -17.32 19.86
N ILE A 38 5.68 -18.12 19.03
CA ILE A 38 6.24 -17.60 17.77
C ILE A 38 5.13 -17.04 16.89
N LEU A 39 4.04 -17.79 16.73
CA LEU A 39 2.95 -17.34 15.86
C LEU A 39 2.24 -16.13 16.42
N SER A 40 1.99 -16.10 17.73
CA SER A 40 1.31 -14.96 18.34
C SER A 40 2.17 -13.70 18.24
N ARG A 41 3.49 -13.83 18.42
CA ARG A 41 4.37 -12.68 18.24
C ARG A 41 4.35 -12.19 16.81
N PHE A 42 4.39 -13.12 15.84
CA PHE A 42 4.32 -12.71 14.44
C PHE A 42 2.99 -12.02 14.12
N ASN A 43 1.90 -12.42 14.79
CA ASN A 43 0.59 -11.88 14.46
C ASN A 43 0.47 -10.40 14.83
N ARG A 44 1.06 -10.01 15.95
CA ARG A 44 0.97 -8.62 16.43
C ARG A 44 2.16 -7.77 15.97
N GLU A 45 2.45 -7.76 14.67
CA GLU A 45 3.60 -7.03 14.17
C GLU A 45 3.24 -5.75 13.41
N LYS A 46 2.02 -5.66 12.88
CA LYS A 46 1.61 -4.51 12.08
C LYS A 46 0.72 -3.58 12.89
N ILE A 47 0.85 -2.29 12.61
CA ILE A 47 0.09 -1.24 13.27
C ILE A 47 -0.63 -0.42 12.21
N PRO A 48 -1.66 0.34 12.59
CA PRO A 48 -2.34 1.19 11.60
C PRO A 48 -1.39 2.20 10.97
N GLU A 49 -1.58 2.46 9.69
CA GLU A 49 -0.81 3.47 8.98
C GLU A 49 -1.36 4.86 9.29
N ARG A 50 -0.59 5.88 8.91
CA ARG A 50 -1.01 7.26 9.12
C ARG A 50 -2.26 7.57 8.29
N ALA A 51 -3.12 8.43 8.86
CA ALA A 51 -4.34 8.81 8.16
C ALA A 51 -4.03 9.51 6.83
N VAL A 52 -3.00 10.36 6.83
CA VAL A 52 -2.46 10.94 5.61
C VAL A 52 -0.95 10.75 5.63
N HIS A 53 -0.35 10.84 4.45
CA HIS A 53 1.10 10.72 4.29
C HIS A 53 1.60 9.35 4.75
N ALA A 54 0.89 8.30 4.33
CA ALA A 54 1.19 6.95 4.82
C ALA A 54 2.46 6.36 4.18
N ARG A 55 2.78 6.75 2.96
CA ARG A 55 3.93 6.21 2.23
C ARG A 55 5.07 7.23 2.28
N GLY A 56 6.26 6.78 2.66
CA GLY A 56 7.38 7.69 2.76
C GLY A 56 8.68 6.98 3.09
N ALA A 57 9.73 7.79 3.18
CA ALA A 57 11.09 7.33 3.49
C ALA A 57 11.74 8.33 4.45
N GLY A 58 12.92 7.97 4.97
CA GLY A 58 13.54 8.77 6.00
C GLY A 58 15.06 8.83 5.86
N ALA A 59 15.64 9.82 6.56
CA ALA A 59 17.09 10.01 6.56
C ALA A 59 17.48 10.85 7.77
N TYR A 60 18.80 10.92 8.01
CA TYR A 60 19.40 11.67 9.11
C TYR A 60 20.44 12.64 8.58
N GLY A 61 20.47 13.82 9.16
CA GLY A 61 21.47 14.82 8.80
C GLY A 61 21.64 15.86 9.88
N GLU A 62 22.08 17.05 9.47
CA GLU A 62 22.31 18.14 10.41
C GLU A 62 22.01 19.48 9.76
N PHE A 63 21.69 20.45 10.60
CA PHE A 63 21.47 21.84 10.20
C PHE A 63 22.61 22.70 10.71
N GLU A 64 23.03 23.66 9.89
CA GLU A 64 24.10 24.59 10.25
C GLU A 64 23.68 26.02 9.95
N VAL A 65 23.99 26.93 10.87
CA VAL A 65 23.65 28.34 10.74
C VAL A 65 24.70 29.03 9.88
N THR A 66 24.25 29.79 8.87
CA THR A 66 25.15 30.50 7.98
C THR A 66 25.02 32.02 8.04
N HIS A 67 23.94 32.56 8.60
CA HIS A 67 23.70 33.99 8.65
C HIS A 67 23.25 34.39 10.05
N ASP A 68 23.39 35.68 10.34
CA ASP A 68 23.04 36.22 11.65
C ASP A 68 21.61 36.74 11.62
N VAL A 69 20.77 36.23 12.53
CA VAL A 69 19.37 36.63 12.64
C VAL A 69 19.06 37.04 14.06
N SER A 70 20.07 37.53 14.79
CA SER A 70 19.89 37.90 16.19
C SER A 70 19.00 39.11 16.40
N ASP A 71 18.70 39.85 15.33
CA ASP A 71 17.84 41.03 15.44
C ASP A 71 16.36 40.71 15.35
N ILE A 72 15.98 39.49 14.96
CA ILE A 72 14.58 39.14 14.77
C ILE A 72 14.25 37.86 15.52
N CYS A 73 15.28 37.19 16.03
CA CYS A 73 15.12 35.86 16.62
C CYS A 73 15.89 35.75 17.93
N ASP A 74 15.33 34.97 18.86
CA ASP A 74 16.01 34.63 20.11
C ASP A 74 16.06 33.12 20.31
N ILE A 75 15.90 32.34 19.25
CA ILE A 75 15.93 30.89 19.34
C ILE A 75 17.39 30.44 19.41
N ASP A 76 17.71 29.63 20.42
CA ASP A 76 19.09 29.21 20.64
C ASP A 76 19.64 28.44 19.45
N MET A 77 18.79 27.65 18.79
CA MET A 77 19.23 26.86 17.64
C MET A 77 19.68 27.73 16.47
N LEU A 78 19.20 28.97 16.39
CA LEU A 78 19.47 29.82 15.23
C LEU A 78 20.52 30.89 15.51
N LEU A 79 21.09 30.94 16.70
CA LEU A 79 22.05 31.98 17.05
C LEU A 79 23.47 31.42 17.06
N GLY A 80 24.37 32.11 16.37
CA GLY A 80 25.75 31.69 16.28
C GLY A 80 26.09 31.04 14.95
N ILE A 81 26.89 31.72 14.13
CA ILE A 81 27.23 31.19 12.81
C ILE A 81 28.20 30.03 12.97
N GLY A 82 27.89 28.91 12.33
CA GLY A 82 28.67 27.70 12.46
C GLY A 82 28.10 26.68 13.42
N LYS A 83 26.99 26.99 14.08
CA LYS A 83 26.38 26.06 15.04
C LYS A 83 25.64 24.95 14.30
N LYS A 84 25.76 23.72 14.83
CA LYS A 84 25.22 22.53 14.19
C LYS A 84 24.22 21.84 15.09
N THR A 85 23.13 21.35 14.50
CA THR A 85 22.05 20.69 15.21
C THR A 85 21.65 19.41 14.49
N PRO A 86 21.61 18.27 15.17
CA PRO A 86 21.18 17.02 14.51
C PRO A 86 19.69 17.04 14.17
N CYS A 87 19.36 16.34 13.09
CA CYS A 87 17.98 16.34 12.59
C CYS A 87 17.66 15.03 11.88
N ALA A 88 16.38 14.68 11.90
CA ALA A 88 15.84 13.50 11.22
C ALA A 88 14.69 13.94 10.32
N VAL A 89 14.69 13.46 9.08
CA VAL A 89 13.76 13.92 8.06
C VAL A 89 12.96 12.73 7.53
N ARG A 90 11.67 12.94 7.34
CA ARG A 90 10.80 11.97 6.67
C ARG A 90 10.12 12.64 5.48
N PHE A 91 10.29 12.07 4.30
CA PHE A 91 9.60 12.49 3.08
C PHE A 91 8.40 11.57 2.84
N SER A 92 7.36 12.12 2.22
CA SER A 92 6.16 11.32 2.00
C SER A 92 5.35 11.88 0.86
N THR A 93 4.40 11.06 0.37
CA THR A 93 3.30 11.52 -0.46
C THR A 93 2.12 11.83 0.47
N THR A 94 0.92 12.02 -0.08
CA THR A 94 -0.18 12.48 0.78
C THR A 94 -1.38 11.55 0.80
N ALA A 95 -1.87 11.14 -0.37
CA ALA A 95 -3.24 10.63 -0.46
C ALA A 95 -3.35 9.12 -0.32
N LEU A 96 -2.44 8.34 -0.88
CA LEU A 96 -2.66 6.91 -1.06
C LEU A 96 -2.02 6.11 0.09
N GLU A 97 -2.03 4.78 -0.05
CA GLU A 97 -1.72 3.87 1.04
C GLU A 97 -0.22 3.57 1.10
N ARG A 98 0.14 2.58 1.92
CA ARG A 98 1.53 2.32 2.25
C ARG A 98 2.33 1.87 1.03
N GLY A 99 1.77 1.00 0.20
CA GLY A 99 2.51 0.43 -0.91
C GLY A 99 2.27 1.09 -2.26
N SER A 100 1.72 2.31 -2.26
CA SER A 100 1.34 2.98 -3.49
C SER A 100 2.56 3.58 -4.19
N ALA A 101 2.37 3.95 -5.45
CA ALA A 101 3.44 4.53 -6.24
C ALA A 101 3.78 5.93 -5.77
N GLU A 102 5.07 6.26 -5.79
CA GLU A 102 5.56 7.55 -5.34
C GLU A 102 5.64 8.58 -6.46
N SER A 103 5.32 8.21 -7.69
CA SER A 103 5.40 9.10 -8.84
C SER A 103 4.01 9.49 -9.35
N VAL A 104 3.09 9.73 -8.42
CA VAL A 104 1.72 10.04 -8.75
C VAL A 104 1.52 11.56 -8.71
N ARG A 105 0.39 12.01 -9.24
CA ARG A 105 0.01 13.42 -9.19
C ARG A 105 -0.51 13.71 -7.78
N ASP A 106 0.33 14.35 -6.97
CA ASP A 106 0.01 14.57 -5.56
C ASP A 106 0.94 15.63 -5.00
N VAL A 107 0.60 16.13 -3.81
CA VAL A 107 1.49 17.00 -3.05
C VAL A 107 2.34 16.13 -2.14
N LYS A 108 3.55 16.59 -1.87
CA LYS A 108 4.52 15.84 -1.09
C LYS A 108 4.78 16.53 0.24
N GLY A 109 5.16 15.73 1.23
CA GLY A 109 5.41 16.22 2.57
C GLY A 109 6.84 15.99 3.02
N MET A 110 7.33 16.91 3.86
CA MET A 110 8.69 16.87 4.38
C MET A 110 8.62 17.24 5.85
N ALA A 111 8.93 16.30 6.73
CA ALA A 111 8.87 16.52 8.18
C ALA A 111 10.27 16.47 8.74
N ILE A 112 10.66 17.52 9.46
CA ILE A 112 12.01 17.65 10.00
C ILE A 112 11.91 17.75 11.52
N LYS A 113 12.64 16.88 12.21
CA LYS A 113 12.75 16.92 13.66
C LYS A 113 14.17 17.34 14.01
N LEU A 114 14.30 18.43 14.76
CA LEU A 114 15.59 18.98 15.13
C LEU A 114 15.77 18.84 16.64
N PHE A 115 16.93 18.32 17.04
CA PHE A 115 17.20 18.02 18.45
C PHE A 115 18.09 19.13 19.02
N THR A 116 17.45 20.21 19.50
CA THR A 116 18.16 21.36 20.03
C THR A 116 18.31 21.23 21.55
N GLY A 117 19.19 22.07 22.10
CA GLY A 117 19.40 22.08 23.53
C GLY A 117 18.18 22.45 24.34
N ASP A 118 17.20 23.09 23.71
CA ASP A 118 15.94 23.44 24.36
C ASP A 118 14.85 22.40 24.13
N GLY A 119 15.13 21.31 23.43
CA GLY A 119 14.14 20.29 23.19
C GLY A 119 14.01 19.99 21.71
N GLU A 120 12.85 19.46 21.32
CA GLU A 120 12.59 19.04 19.96
C GLU A 120 11.81 20.11 19.23
N TRP A 121 12.30 20.51 18.05
CA TRP A 121 11.59 21.46 17.19
C TRP A 121 11.21 20.78 15.89
N ASP A 122 9.92 20.82 15.54
CA ASP A 122 9.39 20.13 14.38
C ASP A 122 9.00 21.14 13.31
N TRP A 123 9.43 20.88 12.08
CA TRP A 123 8.98 21.61 10.89
C TRP A 123 8.25 20.62 10.00
N VAL A 124 6.92 20.74 9.94
CA VAL A 124 6.09 19.82 9.16
C VAL A 124 5.62 20.60 7.93
N CYS A 125 6.23 20.32 6.77
CA CYS A 125 6.09 21.16 5.59
C CYS A 125 5.49 20.38 4.43
N LEU A 126 4.88 21.12 3.51
CA LEU A 126 4.48 20.61 2.21
C LEU A 126 5.46 21.10 1.16
N ASN A 127 5.39 20.50 -0.03
CA ASN A 127 6.25 20.93 -1.12
C ASN A 127 5.74 22.17 -1.83
N ILE A 128 4.65 22.75 -1.33
CA ILE A 128 4.10 24.00 -1.88
C ILE A 128 3.56 24.84 -0.74
N PRO A 129 3.66 26.17 -0.86
CA PRO A 129 3.25 27.03 0.26
C PRO A 129 1.76 27.31 0.36
N MET A 130 0.93 26.73 -0.50
CA MET A 130 -0.51 26.89 -0.42
C MET A 130 -1.16 25.57 -0.01
N PHE A 131 -2.40 25.66 0.47
CA PHE A 131 -3.15 24.48 0.87
C PHE A 131 -4.53 24.50 0.21
N PHE A 132 -5.25 23.38 0.35
CA PHE A 132 -6.52 23.21 -0.32
C PHE A 132 -7.61 24.09 0.29
N ILE A 133 -7.66 24.16 1.63
CA ILE A 133 -8.81 24.72 2.31
C ILE A 133 -8.36 25.73 3.37
N ARG A 134 -9.34 26.40 3.93
CA ARG A 134 -9.18 27.46 4.91
C ARG A 134 -9.88 27.16 6.24
N ASP A 135 -10.94 26.35 6.21
CA ASP A 135 -11.72 26.03 7.40
C ASP A 135 -11.38 24.61 7.85
N PRO A 136 -10.85 24.42 9.05
CA PRO A 136 -10.43 23.05 9.46
C PRO A 136 -11.55 22.04 9.51
N SER A 137 -12.79 22.47 9.75
CA SER A 137 -13.90 21.52 9.87
C SER A 137 -14.18 20.79 8.55
N LYS A 138 -13.64 21.27 7.45
CA LYS A 138 -13.78 20.60 6.16
C LYS A 138 -12.64 19.65 5.85
N PHE A 139 -11.68 19.47 6.76
CA PHE A 139 -10.50 18.67 6.46
C PHE A 139 -10.82 17.21 6.16
N PRO A 140 -11.60 16.48 6.97
CA PRO A 140 -11.84 15.06 6.64
C PRO A 140 -12.49 14.86 5.27
N ASP A 141 -13.48 15.69 4.92
CA ASP A 141 -14.15 15.57 3.63
C ASP A 141 -13.14 15.67 2.50
N LEU A 142 -12.28 16.68 2.54
CA LEU A 142 -11.21 16.81 1.56
C LEU A 142 -10.40 15.53 1.44
N VAL A 143 -10.03 14.94 2.58
CA VAL A 143 -9.26 13.70 2.55
C VAL A 143 -10.08 12.61 1.85
N HIS A 144 -11.37 12.50 2.19
CA HIS A 144 -12.20 11.50 1.56
C HIS A 144 -12.35 11.75 0.07
N ALA A 145 -12.18 13.00 -0.37
CA ALA A 145 -12.28 13.29 -1.80
C ALA A 145 -11.07 12.81 -2.57
N GLN A 146 -9.97 12.45 -1.88
CA GLN A 146 -8.76 12.00 -2.55
C GLN A 146 -8.44 10.54 -2.32
N ARG A 147 -9.15 9.87 -1.42
CA ARG A 147 -8.99 8.43 -1.20
C ARG A 147 -9.71 7.66 -2.30
N PRO A 148 -9.39 6.36 -2.45
CA PRO A 148 -10.10 5.55 -3.46
C PRO A 148 -11.60 5.49 -3.21
N ASP A 149 -12.30 4.99 -4.22
CA ASP A 149 -13.76 4.91 -4.17
C ASP A 149 -14.21 4.07 -2.98
N PRO A 150 -15.13 4.58 -2.15
CA PRO A 150 -15.54 3.83 -0.95
C PRO A 150 -16.26 2.52 -1.24
N ALA A 151 -16.76 2.32 -2.46
CA ALA A 151 -17.44 1.08 -2.83
C ALA A 151 -16.58 0.13 -3.64
N THR A 152 -15.76 0.65 -4.55
CA THR A 152 -14.99 -0.18 -5.46
C THR A 152 -13.50 -0.20 -5.17
N ASN A 153 -13.00 0.70 -4.32
CA ASN A 153 -11.57 0.82 -4.00
C ASN A 153 -10.74 1.17 -5.24
N LEU A 154 -11.35 1.88 -6.19
CA LEU A 154 -10.65 2.35 -7.38
C LEU A 154 -10.56 3.87 -7.36
N ALA A 155 -9.76 4.42 -8.28
CA ALA A 155 -9.61 5.86 -8.39
C ALA A 155 -10.92 6.49 -8.85
N ASN A 156 -11.24 7.65 -8.28
CA ASN A 156 -12.54 8.29 -8.49
C ASN A 156 -12.38 9.80 -8.56
N PRO A 157 -12.25 10.36 -9.77
CA PRO A 157 -12.14 11.83 -9.90
C PRO A 157 -13.44 12.56 -9.60
N ALA A 158 -14.59 11.87 -9.61
CA ALA A 158 -15.86 12.55 -9.42
C ALA A 158 -15.96 13.20 -8.04
N ALA A 159 -15.48 12.51 -7.01
CA ALA A 159 -15.51 13.08 -5.66
C ALA A 159 -14.64 14.32 -5.56
N TRP A 160 -13.45 14.27 -6.17
CA TRP A 160 -12.55 15.42 -6.14
C TRP A 160 -13.16 16.62 -6.85
N TRP A 161 -13.76 16.40 -8.03
CA TRP A 161 -14.33 17.52 -8.76
C TRP A 161 -15.59 18.06 -8.09
N GLU A 162 -16.37 17.18 -7.44
CA GLU A 162 -17.49 17.65 -6.65
C GLU A 162 -17.02 18.54 -5.49
N PHE A 163 -15.96 18.11 -4.81
CA PHE A 163 -15.42 18.93 -3.72
C PHE A 163 -14.92 20.27 -4.24
N VAL A 164 -14.24 20.28 -5.38
CA VAL A 164 -13.74 21.52 -5.94
C VAL A 164 -14.88 22.45 -6.32
N CYS A 165 -15.93 21.91 -6.93
CA CYS A 165 -17.07 22.74 -7.29
C CYS A 165 -17.83 23.23 -6.07
N ASN A 166 -17.72 22.53 -4.95
CA ASN A 166 -18.39 22.96 -3.73
C ASN A 166 -17.53 23.83 -2.83
N ASN A 167 -16.22 23.91 -3.07
CA ASN A 167 -15.30 24.66 -2.22
C ASN A 167 -14.33 25.42 -3.13
N HIS A 168 -14.68 26.67 -3.44
CA HIS A 168 -13.93 27.43 -4.44
C HIS A 168 -12.53 27.82 -3.98
N GLU A 169 -12.29 27.87 -2.67
CA GLU A 169 -10.97 28.24 -2.16
C GLU A 169 -9.91 27.20 -2.49
N SER A 170 -10.29 26.01 -2.95
CA SER A 170 -9.33 25.02 -3.41
C SER A 170 -8.89 25.25 -4.85
N LEU A 171 -9.56 26.15 -5.58
CA LEU A 171 -9.28 26.34 -7.00
C LEU A 171 -7.81 26.65 -7.24
N HIS A 172 -7.23 27.53 -6.42
CA HIS A 172 -5.82 27.84 -6.55
C HIS A 172 -4.97 26.57 -6.57
N MET A 173 -5.16 25.73 -5.55
CA MET A 173 -4.38 24.50 -5.49
C MET A 173 -4.66 23.62 -6.69
N ALA A 174 -5.92 23.60 -7.14
CA ALA A 174 -6.26 22.80 -8.31
C ALA A 174 -5.43 23.21 -9.51
N VAL A 175 -5.28 24.52 -9.73
CA VAL A 175 -4.51 24.96 -10.89
C VAL A 175 -3.06 24.51 -10.76
N PHE A 176 -2.54 24.47 -9.53
CA PHE A 176 -1.18 23.99 -9.33
C PHE A 176 -1.07 22.50 -9.63
N LEU A 177 -2.11 21.72 -9.28
CA LEU A 177 -1.95 20.27 -9.26
C LEU A 177 -1.92 19.67 -10.66
N PHE A 178 -2.56 20.32 -11.63
CA PHE A 178 -2.66 19.77 -12.97
C PHE A 178 -1.65 20.40 -13.94
N THR A 179 -0.68 21.13 -13.43
CA THR A 179 0.46 21.55 -14.23
C THR A 179 1.54 20.47 -14.16
N ASP A 180 2.72 20.75 -14.72
CA ASP A 180 3.84 19.82 -14.59
C ASP A 180 4.29 19.69 -13.14
N PHE A 181 4.13 20.75 -12.35
CA PHE A 181 4.53 20.72 -10.95
C PHE A 181 3.79 19.64 -10.16
N GLY A 182 2.64 19.18 -10.65
CA GLY A 182 1.95 18.09 -9.99
C GLY A 182 2.72 16.79 -10.04
N THR A 183 3.43 16.55 -11.16
CA THR A 183 4.32 15.38 -11.30
C THR A 183 5.68 15.90 -11.77
N MET A 184 6.49 16.36 -10.83
CA MET A 184 7.81 16.88 -11.15
C MET A 184 8.89 16.48 -10.15
N PHE A 185 8.55 16.17 -8.91
CA PHE A 185 9.51 16.12 -7.82
C PHE A 185 9.67 14.71 -7.28
N ASP A 186 10.90 14.34 -6.99
CA ASP A 186 11.21 13.23 -6.12
C ASP A 186 11.60 13.79 -4.75
N TYR A 187 12.09 12.94 -3.86
CA TYR A 187 12.41 13.39 -2.51
C TYR A 187 13.62 14.31 -2.47
N ARG A 188 14.47 14.31 -3.49
CA ARG A 188 15.66 15.16 -3.49
C ARG A 188 15.42 16.51 -4.15
N SER A 189 14.57 16.59 -5.17
CA SER A 189 14.37 17.81 -5.92
C SER A 189 13.23 18.67 -5.40
N MET A 190 12.50 18.23 -4.38
CA MET A 190 11.39 18.98 -3.83
C MET A 190 11.87 20.01 -2.81
N SER A 191 11.01 20.99 -2.55
CA SER A 191 11.22 22.01 -1.54
C SER A 191 10.22 21.82 -0.41
N GLY A 192 10.41 22.57 0.67
CA GLY A 192 9.52 22.49 1.81
C GLY A 192 9.11 23.84 2.35
N TYR A 193 7.83 24.00 2.70
CA TYR A 193 7.28 25.25 3.21
C TYR A 193 6.39 24.95 4.41
N VAL A 194 6.59 25.68 5.51
CA VAL A 194 5.73 25.48 6.68
C VAL A 194 4.31 25.99 6.42
N SER A 195 4.17 26.96 5.52
CA SER A 195 2.89 27.40 4.94
C SER A 195 2.02 28.17 5.91
N HIS A 196 2.40 28.24 7.18
CA HIS A 196 1.66 28.98 8.18
C HIS A 196 2.47 30.21 8.59
N ALA A 197 1.77 31.17 9.19
CA ALA A 197 2.43 32.26 9.87
C ALA A 197 2.69 31.86 11.31
N TYR A 198 3.94 32.03 11.75
CA TYR A 198 4.30 31.81 13.15
C TYR A 198 4.73 33.15 13.75
N LYS A 199 4.98 33.15 15.05
CA LYS A 199 5.43 34.34 15.75
C LYS A 199 6.83 34.10 16.31
N TRP A 200 7.75 35.00 16.01
CA TRP A 200 9.07 35.00 16.60
C TRP A 200 9.16 36.16 17.59
N VAL A 201 9.54 35.85 18.83
CA VAL A 201 9.43 36.76 19.96
C VAL A 201 10.82 37.08 20.49
N MET A 202 11.07 38.36 20.74
CA MET A 202 12.28 38.85 21.36
C MET A 202 12.12 38.92 22.87
N PRO A 203 13.23 38.90 23.63
CA PRO A 203 13.12 38.91 25.09
C PRO A 203 12.44 40.13 25.67
N ASP A 204 12.37 41.24 24.93
CA ASP A 204 11.70 42.44 25.42
C ASP A 204 10.19 42.41 25.16
N GLY A 205 9.68 41.37 24.50
CA GLY A 205 8.26 41.21 24.28
C GLY A 205 7.78 41.50 22.88
N THR A 206 8.60 42.17 22.07
CA THR A 206 8.22 42.44 20.69
C THR A 206 8.32 41.17 19.84
N TRP A 207 7.48 41.08 18.82
CA TRP A 207 7.40 39.88 18.02
C TRP A 207 7.09 40.23 16.57
N LYS A 208 7.33 39.27 15.68
CA LYS A 208 7.07 39.43 14.25
C LYS A 208 6.41 38.17 13.71
N TYR A 209 5.60 38.35 12.66
CA TYR A 209 5.06 37.23 11.91
C TYR A 209 6.14 36.69 10.97
N VAL A 210 6.31 35.38 10.94
CA VAL A 210 7.40 34.77 10.18
C VAL A 210 6.86 33.59 9.37
N HIS A 211 7.54 33.31 8.27
CA HIS A 211 7.30 32.12 7.46
C HIS A 211 8.61 31.66 6.84
N TRP A 212 9.05 30.45 7.16
CA TRP A 212 10.33 29.96 6.66
C TRP A 212 10.13 28.74 5.79
N PHE A 213 11.11 28.49 4.92
CA PHE A 213 11.03 27.43 3.94
C PHE A 213 12.43 26.96 3.55
N LEU A 214 12.48 25.78 2.93
CA LEU A 214 13.72 25.13 2.52
C LEU A 214 13.73 24.98 1.01
N ALA A 215 14.67 25.66 0.35
CA ALA A 215 14.81 25.61 -1.10
C ALA A 215 15.83 24.54 -1.47
N SER A 216 15.44 23.65 -2.37
CA SER A 216 16.29 22.54 -2.78
C SER A 216 17.50 23.04 -3.55
N ASP A 217 18.67 22.49 -3.21
CA ASP A 217 19.91 22.79 -3.93
C ASP A 217 20.13 21.89 -5.13
N GLN A 218 19.27 20.90 -5.34
CA GLN A 218 19.36 19.99 -6.48
C GLN A 218 17.99 19.79 -7.10
N GLY A 219 17.23 20.88 -7.24
CA GLY A 219 15.90 20.82 -7.78
C GLY A 219 15.54 22.09 -8.53
N PRO A 220 14.38 22.10 -9.17
CA PRO A 220 13.96 23.26 -9.96
C PRO A 220 13.33 24.34 -9.09
N ASN A 221 12.95 25.44 -9.75
CA ASN A 221 12.15 26.48 -9.10
C ASN A 221 10.98 26.85 -10.00
N PHE A 222 10.24 27.90 -9.64
CA PHE A 222 9.09 28.31 -10.44
C PHE A 222 9.51 28.78 -11.83
N GLU A 223 10.60 29.54 -11.91
CA GLU A 223 10.98 30.16 -13.18
C GLU A 223 11.57 29.15 -14.15
N GLN A 224 12.44 28.27 -13.68
CA GLN A 224 13.18 27.38 -14.57
C GLN A 224 13.35 26.01 -13.92
N GLY A 225 13.56 25.01 -14.77
CA GLY A 225 13.81 23.66 -14.31
C GLY A 225 12.63 22.73 -14.44
N ASN A 226 12.88 21.49 -14.89
CA ASN A 226 11.85 20.47 -14.99
C ASN A 226 12.42 19.15 -14.50
N GLN A 227 11.60 18.11 -14.58
CA GLN A 227 12.04 16.77 -14.17
C GLN A 227 13.13 16.26 -15.10
N THR A 228 14.17 15.68 -14.52
CA THR A 228 15.31 15.20 -15.29
C THR A 228 15.55 13.70 -15.19
N ARG A 229 14.88 13.01 -14.27
CA ARG A 229 15.00 11.56 -14.16
C ARG A 229 13.59 10.95 -14.13
N GLU A 230 13.20 10.37 -15.26
CA GLU A 230 11.90 9.72 -15.35
C GLU A 230 11.91 8.39 -14.60
N ALA A 231 10.85 8.12 -13.85
CA ALA A 231 10.75 6.89 -13.10
C ALA A 231 10.51 5.70 -14.03
N ALA A 232 10.80 4.51 -13.53
CA ALA A 232 10.60 3.30 -14.30
C ALA A 232 9.11 3.06 -14.53
N PRO A 233 8.75 2.35 -15.60
CA PRO A 233 7.32 2.17 -15.91
C PRO A 233 6.52 1.47 -14.83
N ASN A 234 7.13 0.53 -14.10
CA ASN A 234 6.38 -0.25 -13.10
C ASN A 234 7.04 -0.16 -11.72
N ASP A 235 7.68 0.95 -11.41
CA ASP A 235 8.37 1.13 -10.13
C ASP A 235 7.50 1.94 -9.19
N SER A 236 7.14 1.34 -8.06
CA SER A 236 6.35 2.03 -7.04
C SER A 236 7.20 2.72 -5.99
N GLU A 237 8.50 2.49 -5.96
CA GLU A 237 9.40 3.07 -4.96
C GLU A 237 10.56 3.78 -5.65
N SER A 238 10.26 4.57 -6.67
CA SER A 238 11.30 5.25 -7.44
C SER A 238 11.99 6.34 -6.60
N ALA A 239 11.21 7.11 -5.83
CA ALA A 239 11.80 8.19 -5.04
C ALA A 239 12.64 7.65 -3.89
N THR A 240 12.14 6.62 -3.21
CA THR A 240 12.91 5.99 -2.14
C THR A 240 14.22 5.41 -2.67
N ARG A 241 14.16 4.74 -3.83
CA ARG A 241 15.37 4.22 -4.44
C ARG A 241 16.34 5.34 -4.83
N ASP A 242 15.80 6.44 -5.37
CA ASP A 242 16.65 7.57 -5.74
C ASP A 242 17.38 8.12 -4.53
N LEU A 243 16.66 8.37 -3.42
CA LEU A 243 17.30 8.89 -2.22
C LEU A 243 18.32 7.91 -1.65
N TYR A 244 17.97 6.62 -1.58
CA TYR A 244 18.88 5.63 -1.00
C TYR A 244 20.15 5.51 -1.83
N GLN A 245 20.02 5.47 -3.15
CA GLN A 245 21.19 5.36 -4.01
C GLN A 245 22.05 6.61 -3.94
N SER A 246 21.43 7.79 -3.87
CA SER A 246 22.22 9.02 -3.74
C SER A 246 23.00 9.03 -2.43
N LEU A 247 22.37 8.55 -1.34
CA LEU A 247 23.08 8.49 -0.07
C LEU A 247 24.21 7.48 -0.10
N GLU A 248 24.01 6.34 -0.77
CA GLU A 248 25.04 5.33 -0.83
C GLU A 248 26.18 5.69 -1.76
N ARG A 249 25.96 6.63 -2.69
CA ARG A 249 27.00 7.03 -3.62
C ARG A 249 27.97 8.05 -3.05
N GLY A 250 27.69 8.57 -1.86
CA GLY A 250 28.47 9.63 -1.26
C GLY A 250 27.93 11.02 -1.46
N GLU A 251 26.95 11.19 -2.36
CA GLU A 251 26.31 12.49 -2.52
C GLU A 251 25.45 12.82 -1.32
N CYS A 252 25.47 14.08 -0.92
CA CYS A 252 24.67 14.55 0.22
C CYS A 252 23.74 15.66 -0.24
N PRO A 253 22.43 15.42 -0.29
CA PRO A 253 21.50 16.50 -0.66
C PRO A 253 21.50 17.60 0.39
N SER A 254 21.26 18.82 -0.07
CA SER A 254 21.27 19.98 0.80
C SER A 254 20.10 20.90 0.47
N TRP A 255 19.68 21.68 1.47
CA TRP A 255 18.62 22.66 1.33
C TRP A 255 19.08 23.97 1.95
N THR A 256 18.63 25.08 1.37
CA THR A 256 18.91 26.41 1.91
C THR A 256 17.67 26.93 2.62
N VAL A 257 17.81 27.32 3.88
CA VAL A 257 16.69 27.74 4.70
C VAL A 257 16.57 29.27 4.64
N LYS A 258 15.36 29.75 4.37
CA LYS A 258 15.09 31.17 4.24
C LYS A 258 13.83 31.53 5.02
N VAL A 259 13.72 32.79 5.41
CA VAL A 259 12.60 33.26 6.22
C VAL A 259 12.08 34.59 5.68
N GLN A 260 10.77 34.79 5.80
CA GLN A 260 10.09 36.04 5.48
C GLN A 260 9.47 36.61 6.74
N VAL A 261 9.60 37.93 6.91
CA VAL A 261 9.25 38.61 8.16
C VAL A 261 8.25 39.72 7.85
N ILE A 262 7.20 39.80 8.67
CA ILE A 262 6.17 40.83 8.54
C ILE A 262 5.91 41.43 9.92
N ASP A 263 5.88 42.76 9.99
CA ASP A 263 5.56 43.44 11.23
C ASP A 263 4.06 43.28 11.54
N PRO A 264 3.71 43.09 12.82
CA PRO A 264 2.27 42.93 13.15
C PRO A 264 1.40 44.11 12.77
N GLU A 265 1.93 45.33 12.83
CA GLU A 265 1.14 46.50 12.48
C GLU A 265 0.98 46.68 10.97
N ASP A 266 1.75 45.97 10.16
CA ASP A 266 1.61 46.05 8.71
C ASP A 266 0.71 44.96 8.13
N ALA A 267 0.42 43.92 8.89
CA ALA A 267 -0.44 42.84 8.40
C ALA A 267 -1.86 43.29 8.05
N PRO A 268 -2.55 44.08 8.89
CA PRO A 268 -3.94 44.44 8.53
C PRO A 268 -4.08 45.26 7.26
N ARG A 269 -3.01 45.89 6.79
CA ARG A 269 -3.07 46.75 5.61
C ARG A 269 -2.64 46.03 4.33
N LEU A 270 -2.34 44.74 4.38
CA LEU A 270 -1.92 44.02 3.19
C LEU A 270 -3.11 43.74 2.28
N ALA A 271 -2.80 43.51 1.00
CA ALA A 271 -3.84 43.20 0.01
C ALA A 271 -4.37 41.79 0.15
N PHE A 272 -3.74 40.94 0.95
CA PHE A 272 -4.22 39.59 1.20
C PHE A 272 -4.06 39.27 2.68
N ASN A 273 -4.75 38.21 3.11
CA ASN A 273 -4.71 37.78 4.50
C ASN A 273 -3.59 36.77 4.69
N ILE A 274 -2.61 37.11 5.55
CA ILE A 274 -1.51 36.19 5.83
C ILE A 274 -1.90 35.09 6.81
N LEU A 275 -3.07 35.19 7.42
CA LEU A 275 -3.61 34.12 8.26
C LEU A 275 -4.40 33.10 7.45
N ASP A 276 -4.47 33.25 6.13
CA ASP A 276 -5.15 32.33 5.24
C ASP A 276 -4.11 31.39 4.64
N VAL A 277 -4.14 30.12 5.06
CA VAL A 277 -3.13 29.16 4.63
C VAL A 277 -3.29 28.77 3.16
N SER A 278 -4.43 29.09 2.54
CA SER A 278 -4.62 28.78 1.13
C SER A 278 -3.92 29.77 0.21
N LYS A 279 -3.37 30.86 0.73
CA LYS A 279 -2.61 31.82 -0.05
C LYS A 279 -1.13 31.72 0.29
N HIS A 280 -0.29 32.11 -0.66
CA HIS A 280 1.14 32.21 -0.44
C HIS A 280 1.55 33.67 -0.29
N TRP A 281 2.77 33.88 0.18
CA TRP A 281 3.35 35.21 0.30
C TRP A 281 4.23 35.45 -0.92
N ASN A 282 3.92 36.49 -1.68
CA ASN A 282 4.53 36.68 -3.00
C ASN A 282 6.04 36.90 -2.86
N LEU A 283 6.81 36.13 -3.62
CA LEU A 283 8.25 36.27 -3.69
C LEU A 283 8.71 36.92 -4.99
N GLY A 284 7.80 37.21 -5.92
CA GLY A 284 8.18 37.87 -7.15
C GLY A 284 7.64 37.25 -8.43
N ASN A 285 6.69 36.34 -8.32
CA ASN A 285 6.11 35.69 -9.49
C ASN A 285 4.68 36.14 -9.76
N TYR A 286 3.77 36.00 -8.80
CA TYR A 286 2.37 36.35 -9.00
C TYR A 286 1.70 36.45 -7.64
N PRO A 287 0.65 37.25 -7.51
CA PRO A 287 0.10 38.19 -8.50
C PRO A 287 0.94 39.46 -8.60
N PRO A 288 1.06 40.03 -9.81
CA PRO A 288 1.95 41.19 -9.99
C PRO A 288 1.59 42.40 -9.14
N ASP A 289 0.31 42.63 -8.86
CA ASP A 289 -0.10 43.82 -8.15
C ASP A 289 0.12 43.74 -6.64
N ILE A 290 0.43 42.56 -6.11
CA ILE A 290 0.74 42.40 -4.69
C ILE A 290 2.25 42.57 -4.52
N PRO A 291 2.71 43.49 -3.67
CA PRO A 291 4.16 43.71 -3.53
C PRO A 291 4.87 42.51 -2.92
N VAL A 292 6.16 42.42 -3.22
CA VAL A 292 6.98 41.29 -2.80
C VAL A 292 7.32 41.41 -1.32
N ILE A 293 7.27 40.28 -0.61
CA ILE A 293 7.77 40.18 0.76
C ILE A 293 9.13 39.49 0.70
N PRO A 294 10.23 40.20 0.91
CA PRO A 294 11.55 39.62 0.69
C PRO A 294 11.89 38.57 1.75
N GLU A 295 12.77 37.65 1.36
CA GLU A 295 13.27 36.61 2.26
C GLU A 295 14.74 36.86 2.58
N ARG A 296 15.19 36.26 3.67
CA ARG A 296 16.59 36.31 4.07
C ARG A 296 17.05 34.92 4.48
N CYS A 297 18.33 34.64 4.22
CA CYS A 297 18.89 33.32 4.49
C CYS A 297 19.13 33.13 5.99
N VAL A 298 19.06 31.87 6.43
CA VAL A 298 19.27 31.54 7.83
C VAL A 298 20.40 30.51 7.94
N GLY A 299 20.24 29.38 7.28
CA GLY A 299 21.21 28.31 7.36
C GLY A 299 21.08 27.29 6.25
N LYS A 300 21.54 26.07 6.54
CA LYS A 300 21.60 25.01 5.54
C LYS A 300 21.33 23.67 6.20
N LEU A 301 20.63 22.79 5.49
CA LEU A 301 20.32 21.45 5.97
C LEU A 301 20.90 20.43 5.00
N THR A 302 21.71 19.50 5.51
CA THR A 302 22.36 18.48 4.70
C THR A 302 22.02 17.10 5.25
N LEU A 303 21.59 16.21 4.36
CA LEU A 303 21.28 14.83 4.73
C LEU A 303 22.51 13.96 4.56
N LYS A 304 22.75 13.08 5.54
CA LYS A 304 23.98 12.32 5.58
C LYS A 304 23.76 10.82 5.45
N LYS A 305 22.82 10.24 6.18
CA LYS A 305 22.78 8.78 6.26
C LYS A 305 21.34 8.28 6.33
N GLY A 306 21.16 6.99 5.98
CA GLY A 306 19.87 6.35 6.07
C GLY A 306 19.71 5.55 7.34
N PRO A 307 18.52 4.99 7.55
CA PRO A 307 18.26 4.25 8.79
C PRO A 307 18.80 2.83 8.75
N GLU A 308 18.87 2.23 9.94
CA GLU A 308 19.23 0.83 10.11
C GLU A 308 18.01 -0.07 10.24
N ASN A 309 16.95 0.41 10.88
CA ASN A 309 15.71 -0.33 11.04
C ASN A 309 14.57 0.59 10.63
N TYR A 310 13.99 0.32 9.46
CA TYR A 310 13.00 1.23 8.90
C TYR A 310 11.76 1.34 9.78
N PHE A 311 11.25 0.21 10.27
CA PHE A 311 10.02 0.22 11.04
C PHE A 311 10.20 0.93 12.38
N GLU A 312 11.31 0.67 13.07
CA GLU A 312 11.53 1.28 14.38
C GLU A 312 11.90 2.75 14.30
N GLU A 313 12.57 3.17 13.23
CA GLU A 313 13.11 4.52 13.14
C GLU A 313 12.26 5.47 12.31
N ILE A 314 11.69 5.01 11.21
CA ILE A 314 10.94 5.87 10.30
C ILE A 314 9.44 5.70 10.46
N GLU A 315 8.96 4.47 10.48
CA GLU A 315 7.53 4.21 10.52
C GLU A 315 6.89 4.68 11.82
N LYS A 316 7.61 4.60 12.93
CA LYS A 316 7.09 4.99 14.24
C LYS A 316 7.48 6.41 14.64
N LEU A 317 8.04 7.19 13.72
CA LEU A 317 8.35 8.58 14.00
C LEU A 317 7.07 9.38 14.23
N ALA A 318 7.08 10.23 15.24
CA ALA A 318 5.94 11.07 15.57
C ALA A 318 6.32 12.53 15.40
N PHE A 319 5.58 13.23 14.55
CA PHE A 319 5.78 14.66 14.31
C PHE A 319 4.57 15.43 14.78
N SER A 320 4.79 16.67 15.20
CA SER A 320 3.69 17.53 15.62
C SER A 320 4.08 18.99 15.50
N PRO A 321 3.23 19.83 14.91
CA PRO A 321 3.50 21.28 14.93
C PRO A 321 3.50 21.86 16.34
N SER A 322 2.97 21.14 17.33
CA SER A 322 2.99 21.60 18.71
C SER A 322 4.33 21.40 19.40
N HIS A 323 5.28 20.71 18.75
CA HIS A 323 6.64 20.60 19.27
C HIS A 323 7.37 21.90 19.00
N LEU A 324 7.49 22.75 20.02
CA LEU A 324 8.03 24.09 19.87
C LEU A 324 9.10 24.33 20.92
N VAL A 325 9.98 25.28 20.61
CA VAL A 325 11.05 25.65 21.54
C VAL A 325 10.83 27.09 21.99
N HIS A 326 11.68 27.56 22.90
CA HIS A 326 11.56 28.91 23.42
C HIS A 326 11.84 29.93 22.33
N GLY A 327 10.94 30.90 22.18
CA GLY A 327 11.09 31.97 21.21
C GLY A 327 10.21 31.87 19.98
N VAL A 328 9.53 30.74 19.75
CA VAL A 328 8.64 30.57 18.61
C VAL A 328 7.26 30.16 19.12
N GLU A 329 6.23 30.81 18.63
CA GLU A 329 4.84 30.60 19.03
C GLU A 329 3.97 30.43 17.79
N PRO A 330 2.82 29.78 17.93
CA PRO A 330 1.85 29.76 16.83
C PRO A 330 1.10 31.07 16.72
N SER A 331 0.52 31.30 15.55
CA SER A 331 -0.32 32.45 15.30
C SER A 331 -1.79 32.07 15.45
N GLU A 332 -2.67 32.97 15.06
CA GLU A 332 -4.12 32.77 15.16
C GLU A 332 -4.70 32.04 13.95
N ASP A 333 -3.87 31.36 13.17
CA ASP A 333 -4.37 30.56 12.06
C ASP A 333 -5.26 29.44 12.58
N PRO A 334 -6.52 29.35 12.15
CA PRO A 334 -7.40 28.29 12.66
C PRO A 334 -6.96 26.89 12.26
N MET A 335 -6.41 26.73 11.05
CA MET A 335 -5.88 25.45 10.63
C MET A 335 -4.71 25.01 11.52
N LEU A 336 -3.82 25.94 11.84
CA LEU A 336 -2.71 25.64 12.74
C LEU A 336 -3.21 25.29 14.13
N GLN A 337 -4.23 26.00 14.62
CA GLN A 337 -4.79 25.71 15.92
C GLN A 337 -5.40 24.31 15.96
N ALA A 338 -6.08 23.90 14.88
CA ALA A 338 -6.61 22.54 14.81
C ALA A 338 -5.48 21.51 14.75
N ARG A 339 -4.42 21.81 14.00
CA ARG A 339 -3.28 20.89 13.91
C ARG A 339 -2.59 20.72 15.25
N LEU A 340 -2.61 21.75 16.09
CA LEU A 340 -2.00 21.64 17.42
C LEU A 340 -2.62 20.52 18.23
N PHE A 341 -3.92 20.27 18.05
CA PHE A 341 -4.60 19.20 18.77
C PHE A 341 -4.57 17.88 18.01
N ALA A 342 -4.69 17.93 16.67
CA ALA A 342 -4.97 16.71 15.91
C ALA A 342 -3.82 15.70 15.99
N TYR A 343 -2.58 16.17 15.88
CA TYR A 343 -1.45 15.24 15.75
C TYR A 343 -1.24 14.37 16.98
N PRO A 344 -1.21 14.89 18.22
CA PRO A 344 -1.08 13.98 19.37
C PRO A 344 -2.22 13.00 19.51
N ASP A 345 -3.45 13.40 19.16
CA ASP A 345 -4.58 12.48 19.23
C ASP A 345 -4.46 11.34 18.20
N ALA A 346 -4.07 11.70 16.98
CA ALA A 346 -3.85 10.68 15.96
C ALA A 346 -2.73 9.74 16.35
N GLN A 347 -1.66 10.27 16.96
CA GLN A 347 -0.59 9.40 17.41
C GLN A 347 -1.02 8.53 18.58
N GLU A 348 -1.93 9.03 19.41
CA GLU A 348 -2.48 8.21 20.49
C GLU A 348 -3.24 7.01 19.94
N HIS A 349 -3.99 7.23 18.86
CA HIS A 349 -4.64 6.08 18.20
C HIS A 349 -3.62 5.16 17.53
N ARG A 350 -2.69 5.73 16.77
CA ARG A 350 -1.82 4.93 15.91
C ARG A 350 -0.74 4.20 16.69
N LEU A 351 -0.11 4.88 17.66
CA LEU A 351 1.01 4.29 18.42
C LEU A 351 0.63 3.96 19.85
N GLY A 352 -0.65 3.99 20.19
CA GLY A 352 -1.07 3.81 21.56
C GLY A 352 -0.92 2.38 22.05
N PRO A 353 -1.18 2.16 23.35
CA PRO A 353 -1.01 0.81 23.91
C PRO A 353 -1.99 -0.20 23.35
N GLN A 354 -2.95 0.24 22.54
CA GLN A 354 -3.93 -0.67 21.98
C GLN A 354 -3.34 -1.51 20.85
N PHE A 355 -2.47 -0.91 20.03
CA PHE A 355 -1.89 -1.56 18.86
C PHE A 355 -2.96 -2.08 17.91
N VAL A 378 8.07 34.39 27.67
CA VAL A 378 8.06 35.84 27.52
C VAL A 378 6.70 36.31 27.03
N PRO A 379 6.05 37.18 27.81
CA PRO A 379 4.74 37.70 27.41
C PRO A 379 4.85 38.53 26.14
N LEU A 380 3.77 38.51 25.36
CA LEU A 380 3.72 39.24 24.09
C LEU A 380 3.09 40.61 24.30
N GLN A 381 3.68 41.62 23.67
CA GLN A 381 3.12 42.96 23.77
C GLN A 381 1.81 43.06 23.01
N LYS A 382 0.95 43.98 23.45
CA LYS A 382 -0.36 44.14 22.85
C LYS A 382 -0.28 45.03 21.61
N GLN A 383 -1.14 44.73 20.64
CA GLN A 383 -1.19 45.47 19.40
C GLN A 383 -2.37 46.45 19.42
N SER A 384 -2.63 47.08 18.29
CA SER A 384 -3.66 48.11 18.19
C SER A 384 -5.04 47.49 18.02
N ARG A 385 -6.06 48.35 18.08
CA ARG A 385 -7.44 47.90 17.89
C ARG A 385 -7.66 47.40 16.47
N GLU A 386 -7.04 48.05 15.49
CA GLU A 386 -7.16 47.62 14.11
C GLU A 386 -6.61 46.21 13.92
N HIS A 387 -5.49 45.91 14.57
CA HIS A 387 -4.98 44.55 14.58
C HIS A 387 -5.97 43.58 15.21
N ALA A 388 -6.66 44.03 16.27
CA ALA A 388 -7.65 43.17 16.92
C ALA A 388 -8.80 42.84 15.99
N GLU A 389 -9.30 43.84 15.25
CA GLU A 389 -10.37 43.57 14.29
C GLU A 389 -9.89 42.65 13.17
N TRP A 390 -8.67 42.90 12.67
CA TRP A 390 -8.12 42.05 11.62
C TRP A 390 -7.98 40.61 12.09
N VAL A 391 -7.59 40.41 13.35
CA VAL A 391 -7.48 39.05 13.88
C VAL A 391 -8.86 38.43 14.06
N SER A 392 -9.82 39.20 14.59
CA SER A 392 -11.17 38.70 14.77
C SER A 392 -11.85 38.36 13.46
N GLN A 393 -11.32 38.84 12.34
CA GLN A 393 -11.83 38.44 11.04
C GLN A 393 -11.84 36.92 10.84
N VAL A 394 -10.91 36.20 11.48
CA VAL A 394 -10.79 34.75 11.24
C VAL A 394 -11.80 33.92 12.01
N THR A 395 -12.53 34.51 12.95
CA THR A 395 -13.55 33.80 13.70
C THR A 395 -14.97 34.12 13.25
N SER A 396 -15.13 34.94 12.21
CA SER A 396 -16.45 35.31 11.73
C SER A 396 -17.05 34.18 10.90
N SER A 397 -18.35 34.30 10.61
CA SER A 397 -19.04 33.30 9.81
C SER A 397 -18.67 33.37 8.34
N SER A 398 -18.15 34.49 7.87
CA SER A 398 -17.75 34.64 6.47
C SER A 398 -16.39 34.03 6.18
N TRP A 399 -15.70 33.53 7.19
CA TRP A 399 -14.39 32.90 6.98
C TRP A 399 -14.51 31.68 6.07
N SER A 400 -15.64 30.98 6.11
CA SER A 400 -15.85 29.78 5.31
C SER A 400 -16.58 30.06 4.00
N GLN A 401 -16.64 31.32 3.57
CA GLN A 401 -17.25 31.69 2.31
C GLN A 401 -16.20 32.30 1.39
N PRO A 402 -16.34 32.11 0.08
CA PRO A 402 -15.33 32.61 -0.86
C PRO A 402 -15.33 34.13 -0.94
N ASN A 403 -14.13 34.68 -1.15
CA ASN A 403 -13.94 36.10 -1.42
C ASN A 403 -13.25 36.27 -2.77
N GLU A 404 -13.03 37.52 -3.16
CA GLU A 404 -12.47 37.82 -4.47
C GLU A 404 -11.06 37.28 -4.63
N THR A 405 -10.29 37.20 -3.54
CA THR A 405 -8.92 36.71 -3.61
C THR A 405 -8.86 35.25 -4.02
N ASP A 406 -9.89 34.48 -3.64
CA ASP A 406 -9.95 33.06 -4.00
C ASP A 406 -9.99 32.86 -5.50
N TYR A 407 -10.52 33.82 -6.24
CA TYR A 407 -10.48 33.80 -7.70
C TYR A 407 -9.29 34.55 -8.26
N LYS A 408 -8.81 35.57 -7.55
CA LYS A 408 -7.70 36.38 -8.05
C LYS A 408 -6.41 35.57 -8.13
N PHE A 409 -6.12 34.75 -7.10
CA PHE A 409 -4.86 34.01 -7.11
C PHE A 409 -4.75 32.99 -8.25
N PRO A 410 -5.71 32.08 -8.46
CA PRO A 410 -5.57 31.14 -9.59
C PRO A 410 -5.58 31.82 -10.95
N ARG A 411 -6.32 32.90 -11.10
CA ARG A 411 -6.33 33.63 -12.37
C ARG A 411 -4.95 34.18 -12.69
N GLU A 412 -4.27 34.74 -11.70
CA GLU A 412 -2.95 35.29 -11.94
C GLU A 412 -1.90 34.19 -12.12
N LEU A 413 -2.05 33.05 -11.45
CA LEU A 413 -1.16 31.92 -11.74
C LEU A 413 -1.33 31.44 -13.17
N TRP A 414 -2.58 31.33 -13.64
CA TRP A 414 -2.85 30.92 -15.01
C TRP A 414 -2.28 31.94 -16.00
N ALA A 415 -2.37 33.22 -15.69
CA ALA A 415 -1.80 34.25 -16.56
C ALA A 415 -0.28 34.24 -16.54
N ALA A 416 0.33 33.92 -15.41
CA ALA A 416 1.78 33.90 -15.28
C ALA A 416 2.42 32.69 -15.94
N LEU A 417 1.69 31.57 -16.06
CA LEU A 417 2.26 30.36 -16.64
C LEU A 417 2.88 30.58 -18.02
N PRO A 418 2.23 31.24 -18.99
CA PRO A 418 2.90 31.43 -20.29
C PRO A 418 3.99 32.48 -20.27
N ARG A 419 3.97 33.42 -19.33
CA ARG A 419 4.97 34.48 -19.33
C ARG A 419 6.32 33.97 -18.81
N LEU A 420 6.30 33.06 -17.85
CA LEU A 420 7.51 32.59 -17.19
C LEU A 420 7.91 31.17 -17.56
N ARG A 421 7.02 30.38 -18.16
CA ARG A 421 7.33 29.01 -18.55
C ARG A 421 7.18 28.78 -20.04
N GLY A 422 6.10 29.24 -20.65
CA GLY A 422 5.86 29.06 -22.06
C GLY A 422 4.48 28.54 -22.35
N GLU A 423 4.14 28.51 -23.64
CA GLU A 423 2.82 28.07 -24.08
C GLU A 423 2.61 26.58 -23.85
N GLU A 424 3.67 25.78 -23.99
CA GLU A 424 3.53 24.33 -23.83
C GLU A 424 3.16 23.96 -22.39
N PHE A 425 3.64 24.73 -21.41
CA PHE A 425 3.26 24.49 -20.02
C PHE A 425 1.75 24.64 -19.84
N GLN A 426 1.19 25.75 -20.34
CA GLN A 426 -0.25 25.97 -20.26
C GLN A 426 -1.03 24.89 -21.00
N ASN A 427 -0.53 24.50 -22.19
CA ASN A 427 -1.20 23.47 -22.95
C ASN A 427 -1.23 22.14 -22.21
N ARG A 428 -0.11 21.78 -21.57
CA ARG A 428 -0.07 20.54 -20.81
C ARG A 428 -1.00 20.60 -19.60
N LEU A 429 -1.12 21.77 -18.98
CA LEU A 429 -2.09 21.92 -17.90
C LEU A 429 -3.51 21.65 -18.40
N VAL A 430 -3.85 22.23 -19.55
CA VAL A 430 -5.18 22.03 -20.12
C VAL A 430 -5.41 20.55 -20.45
N VAL A 431 -4.39 19.90 -21.02
CA VAL A 431 -4.53 18.49 -21.40
C VAL A 431 -4.73 17.62 -20.17
N ASN A 432 -3.96 17.84 -19.11
CA ASN A 432 -4.13 17.06 -17.88
C ASN A 432 -5.51 17.28 -17.28
N MET A 433 -5.97 18.52 -17.24
CA MET A 433 -7.29 18.77 -16.62
C MET A 433 -8.37 18.08 -17.46
N ALA A 434 -8.29 18.18 -18.80
CA ALA A 434 -9.30 17.53 -19.63
C ALA A 434 -9.26 16.02 -19.45
N GLU A 435 -8.06 15.44 -19.33
CA GLU A 435 -7.95 14.00 -19.11
C GLU A 435 -8.64 13.59 -17.81
N SER A 436 -8.50 14.40 -16.76
CA SER A 436 -9.19 14.09 -15.52
C SER A 436 -10.69 14.29 -15.63
N VAL A 437 -11.13 15.39 -16.26
CA VAL A 437 -12.54 15.75 -16.24
C VAL A 437 -13.35 14.82 -17.14
N SER A 438 -12.75 14.28 -18.21
CA SER A 438 -13.51 13.45 -19.15
C SER A 438 -13.95 12.11 -18.57
N GLN A 439 -13.73 11.85 -17.28
CA GLN A 439 -14.10 10.58 -16.65
C GLN A 439 -15.31 10.71 -15.73
N ILE A 440 -16.00 11.84 -15.74
CA ILE A 440 -17.07 12.11 -14.78
C ILE A 440 -18.36 12.35 -15.56
N PRO A 441 -19.52 12.19 -14.92
CA PRO A 441 -20.79 12.39 -15.61
C PRO A 441 -21.01 13.83 -16.06
N GLU A 442 -21.97 13.98 -16.97
CA GLU A 442 -22.11 15.21 -17.75
C GLU A 442 -22.49 16.42 -16.89
N ASP A 443 -23.40 16.23 -15.93
CA ASP A 443 -23.81 17.36 -15.09
C ASP A 443 -22.65 17.90 -14.26
N LEU A 444 -21.84 17.00 -13.69
CA LEU A 444 -20.64 17.42 -13.00
C LEU A 444 -19.67 18.11 -13.96
N ARG A 445 -19.61 17.66 -15.21
CA ARG A 445 -18.76 18.33 -16.20
C ARG A 445 -19.20 19.76 -16.41
N GLN A 446 -20.51 19.99 -16.52
CA GLN A 446 -21.01 21.35 -16.69
C GLN A 446 -20.72 22.21 -15.46
N LYS A 447 -20.86 21.62 -14.27
CA LYS A 447 -20.51 22.36 -13.05
C LYS A 447 -19.04 22.75 -13.03
N VAL A 448 -18.16 21.83 -13.44
CA VAL A 448 -16.73 22.13 -13.50
C VAL A 448 -16.46 23.24 -14.51
N TYR A 449 -17.14 23.21 -15.65
CA TYR A 449 -16.97 24.26 -16.65
C TYR A 449 -17.38 25.62 -16.09
N LYS A 450 -18.49 25.66 -15.34
CA LYS A 450 -18.93 26.92 -14.73
C LYS A 450 -17.90 27.43 -13.72
N THR A 451 -17.37 26.54 -12.88
CA THR A 451 -16.35 26.97 -11.90
C THR A 451 -15.11 27.50 -12.60
N LEU A 452 -14.63 26.80 -13.64
CA LEU A 452 -13.46 27.26 -14.37
C LEU A 452 -13.72 28.60 -15.04
N ALA A 453 -14.94 28.81 -15.54
CA ALA A 453 -15.29 30.12 -16.09
C ALA A 453 -15.23 31.19 -15.02
N LEU A 454 -15.65 30.85 -13.79
CA LEU A 454 -15.46 31.77 -12.68
C LEU A 454 -13.98 32.10 -12.48
N VAL A 455 -13.09 31.15 -12.75
CA VAL A 455 -11.66 31.45 -12.67
C VAL A 455 -11.21 32.29 -13.87
N ALA A 456 -11.36 31.75 -15.09
CA ALA A 456 -10.99 32.47 -16.29
C ALA A 456 -11.78 31.92 -17.47
N GLU A 457 -12.16 32.79 -18.39
CA GLU A 457 -13.04 32.40 -19.49
C GLU A 457 -12.31 31.52 -20.50
N ASP A 458 -11.11 31.92 -20.90
CA ASP A 458 -10.38 31.16 -21.92
C ASP A 458 -9.97 29.79 -21.39
N LEU A 459 -9.58 29.71 -20.11
CA LEU A 459 -9.23 28.41 -19.54
C LEU A 459 -10.41 27.46 -19.55
N ALA A 460 -11.59 27.96 -19.14
CA ALA A 460 -12.78 27.12 -19.15
C ALA A 460 -13.16 26.70 -20.57
N SER A 461 -13.09 27.62 -21.52
CA SER A 461 -13.46 27.29 -22.89
C SER A 461 -12.53 26.25 -23.48
N ARG A 462 -11.22 26.40 -23.25
CA ARG A 462 -10.25 25.44 -23.76
C ARG A 462 -10.43 24.08 -23.11
N VAL A 463 -10.62 24.04 -21.79
CA VAL A 463 -10.80 22.77 -21.10
C VAL A 463 -12.06 22.07 -21.59
N GLU A 464 -13.16 22.82 -21.74
CA GLU A 464 -14.41 22.22 -22.21
C GLU A 464 -14.27 21.68 -23.63
N SER A 465 -13.64 22.47 -24.52
CA SER A 465 -13.50 22.04 -25.90
C SER A 465 -12.65 20.78 -25.99
N LEU A 466 -11.57 20.70 -25.22
CA LEU A 466 -10.73 19.52 -25.30
C LEU A 466 -11.35 18.33 -24.57
N THR A 467 -12.16 18.57 -23.53
CA THR A 467 -12.77 17.49 -22.78
C THR A 467 -13.91 16.83 -23.55
N GLU A 468 -14.71 17.63 -24.26
CA GLU A 468 -15.84 17.05 -24.99
C GLU A 468 -15.39 16.12 -26.11
N GLU A 469 -14.16 16.29 -26.61
CA GLU A 469 -13.64 15.41 -27.65
C GLU A 469 -13.09 14.10 -27.10
N MET A 470 -12.99 13.96 -25.77
CA MET A 470 -12.41 12.77 -25.17
C MET A 470 -13.45 11.85 -24.53
N VAL A 471 -14.73 12.18 -24.61
CA VAL A 471 -15.77 11.34 -24.02
C VAL A 471 -16.47 10.55 -25.12
N GLU B 30 -9.47 25.24 16.59
CA GLU B 30 -9.71 24.18 17.61
C GLU B 30 -10.67 24.69 18.69
N ASN B 31 -10.61 24.15 19.91
CA ASN B 31 -11.37 24.59 21.08
C ASN B 31 -12.88 24.48 20.89
N ASP B 32 -13.36 24.07 19.72
CA ASP B 32 -14.78 23.83 19.52
C ASP B 32 -15.07 22.36 19.73
N PRO B 33 -15.99 21.99 20.62
CA PRO B 33 -16.27 20.56 20.83
C PRO B 33 -16.70 19.83 19.57
N ARG B 34 -17.46 20.50 18.69
CA ARG B 34 -17.87 19.87 17.44
C ARG B 34 -16.66 19.56 16.56
N LEU B 35 -15.73 20.51 16.44
CA LEU B 35 -14.53 20.28 15.64
C LEU B 35 -13.66 19.19 16.25
N LEU B 36 -13.54 19.20 17.59
CA LEU B 36 -12.75 18.16 18.25
C LEU B 36 -13.36 16.78 18.00
N ASP B 37 -14.69 16.67 18.08
CA ASP B 37 -15.34 15.39 17.81
C ASP B 37 -15.13 14.95 16.37
N ILE B 38 -15.27 15.87 15.41
CA ILE B 38 -15.09 15.52 14.00
C ILE B 38 -13.67 15.02 13.75
N LEU B 39 -12.68 15.75 14.26
CA LEU B 39 -11.28 15.39 14.02
C LEU B 39 -10.92 14.08 14.74
N SER B 40 -11.39 13.90 15.97
CA SER B 40 -11.09 12.67 16.70
C SER B 40 -11.73 11.46 16.03
N ARG B 41 -12.94 11.61 15.51
CA ARG B 41 -13.57 10.52 14.78
C ARG B 41 -12.80 10.20 13.50
N PHE B 42 -12.35 11.24 12.78
CA PHE B 42 -11.56 10.99 11.58
C PHE B 42 -10.23 10.30 11.90
N ASN B 43 -9.65 10.60 13.06
CA ASN B 43 -8.33 10.09 13.41
C ASN B 43 -8.31 8.59 13.69
N ARG B 44 -9.47 7.95 13.87
CA ARG B 44 -9.53 6.55 14.29
C ARG B 44 -10.11 5.64 13.22
N GLU B 45 -10.12 6.07 11.96
CA GLU B 45 -10.77 5.30 10.91
C GLU B 45 -9.94 4.10 10.46
N LYS B 46 -8.62 4.20 10.48
CA LYS B 46 -7.75 3.16 9.95
C LYS B 46 -7.45 2.09 11.00
N ILE B 47 -7.33 0.86 10.53
CA ILE B 47 -6.98 -0.30 11.36
C ILE B 47 -5.79 -0.99 10.71
N PRO B 48 -5.05 -1.80 11.48
CA PRO B 48 -3.91 -2.51 10.88
C PRO B 48 -4.35 -3.48 9.80
N GLU B 49 -3.52 -3.61 8.77
CA GLU B 49 -3.80 -4.50 7.66
C GLU B 49 -3.45 -5.95 8.03
N ARG B 50 -3.84 -6.88 7.16
CA ARG B 50 -3.55 -8.29 7.38
C ARG B 50 -2.06 -8.55 7.28
N ALA B 51 -1.58 -9.50 8.10
CA ALA B 51 -0.16 -9.86 8.08
C ALA B 51 0.26 -10.39 6.72
N VAL B 52 -0.59 -11.20 6.09
CA VAL B 52 -0.41 -11.61 4.71
C VAL B 52 -1.72 -11.38 3.97
N HIS B 53 -1.63 -11.31 2.65
CA HIS B 53 -2.80 -11.11 1.77
C HIS B 53 -3.51 -9.80 2.08
N ALA B 54 -2.72 -8.72 2.21
CA ALA B 54 -3.27 -7.44 2.63
C ALA B 54 -4.05 -6.74 1.52
N ARG B 55 -3.67 -6.96 0.26
CA ARG B 55 -4.30 -6.31 -0.87
C ARG B 55 -5.27 -7.28 -1.55
N GLY B 56 -6.50 -6.84 -1.79
CA GLY B 56 -7.48 -7.72 -2.39
C GLY B 56 -8.78 -7.01 -2.70
N ALA B 57 -9.71 -7.79 -3.25
CA ALA B 57 -11.04 -7.32 -3.64
C ALA B 57 -12.05 -8.41 -3.28
N GLY B 58 -13.35 -8.08 -3.41
CA GLY B 58 -14.39 -8.98 -2.96
C GLY B 58 -15.61 -8.97 -3.86
N ALA B 59 -16.44 -9.99 -3.69
CA ALA B 59 -17.67 -10.15 -4.46
C ALA B 59 -18.61 -11.12 -3.73
N TYR B 60 -19.85 -11.17 -4.22
CA TYR B 60 -20.91 -12.02 -3.68
C TYR B 60 -21.49 -12.88 -4.79
N GLY B 61 -21.78 -14.13 -4.47
CA GLY B 61 -22.40 -15.04 -5.40
C GLY B 61 -23.08 -16.20 -4.70
N GLU B 62 -23.20 -17.32 -5.43
CA GLU B 62 -23.84 -18.51 -4.87
C GLU B 62 -23.20 -19.77 -5.43
N PHE B 63 -23.33 -20.85 -4.67
CA PHE B 63 -22.88 -22.17 -5.06
C PHE B 63 -24.09 -23.07 -5.31
N GLU B 64 -24.00 -23.90 -6.33
CA GLU B 64 -25.08 -24.83 -6.69
C GLU B 64 -24.51 -26.23 -6.89
N VAL B 65 -25.23 -27.23 -6.40
CA VAL B 65 -24.83 -28.63 -6.50
C VAL B 65 -25.26 -29.16 -7.86
N THR B 66 -24.34 -29.82 -8.57
CA THR B 66 -24.62 -30.39 -9.87
C THR B 66 -24.48 -31.91 -9.94
N HIS B 67 -23.82 -32.54 -8.96
CA HIS B 67 -23.59 -33.97 -8.98
C HIS B 67 -23.92 -34.55 -7.62
N ASP B 68 -24.16 -35.86 -7.59
CA ASP B 68 -24.52 -36.56 -6.36
C ASP B 68 -23.25 -37.12 -5.71
N VAL B 69 -23.03 -36.75 -4.45
CA VAL B 69 -21.87 -37.21 -3.69
C VAL B 69 -22.32 -37.81 -2.37
N SER B 70 -23.55 -38.35 -2.33
CA SER B 70 -24.10 -38.88 -1.09
C SER B 70 -23.40 -40.14 -0.62
N ASP B 71 -22.56 -40.76 -1.45
CA ASP B 71 -21.85 -41.97 -1.05
C ASP B 71 -20.54 -41.69 -0.32
N ILE B 72 -20.07 -40.44 -0.32
CA ILE B 72 -18.79 -40.12 0.29
C ILE B 72 -18.94 -38.95 1.26
N CYS B 73 -20.11 -38.31 1.25
CA CYS B 73 -20.30 -37.07 1.98
C CYS B 73 -21.64 -37.09 2.71
N ASP B 74 -21.67 -36.42 3.86
CA ASP B 74 -22.91 -36.20 4.62
C ASP B 74 -23.10 -34.73 4.95
N ILE B 75 -22.41 -33.84 4.23
CA ILE B 75 -22.53 -32.40 4.47
C ILE B 75 -23.82 -31.90 3.85
N ASP B 76 -24.57 -31.10 4.62
CA ASP B 76 -25.93 -30.72 4.23
C ASP B 76 -25.92 -29.91 2.93
N MET B 77 -24.99 -28.98 2.79
CA MET B 77 -24.96 -28.10 1.63
C MET B 77 -24.51 -28.80 0.35
N LEU B 78 -23.98 -30.03 0.45
CA LEU B 78 -23.53 -30.76 -0.73
C LEU B 78 -24.51 -31.83 -1.18
N LEU B 79 -25.62 -32.02 -0.49
CA LEU B 79 -26.58 -33.07 -0.80
C LEU B 79 -27.81 -32.45 -1.46
N GLY B 80 -28.22 -33.04 -2.58
CA GLY B 80 -29.38 -32.54 -3.31
C GLY B 80 -29.00 -31.72 -4.52
N ILE B 81 -29.23 -32.28 -5.71
CA ILE B 81 -28.85 -31.59 -6.94
C ILE B 81 -29.79 -30.42 -7.18
N GLY B 82 -29.23 -29.24 -7.41
CA GLY B 82 -30.00 -28.02 -7.58
C GLY B 82 -30.10 -27.15 -6.35
N LYS B 83 -29.48 -27.54 -5.23
CA LYS B 83 -29.53 -26.76 -4.01
C LYS B 83 -28.51 -25.62 -4.06
N LYS B 84 -28.93 -24.44 -3.61
CA LYS B 84 -28.13 -23.22 -3.71
C LYS B 84 -27.78 -22.68 -2.33
N THR B 85 -26.54 -22.18 -2.20
CA THR B 85 -26.03 -21.63 -0.96
C THR B 85 -25.34 -20.30 -1.24
N PRO B 86 -25.73 -19.22 -0.55
CA PRO B 86 -25.05 -17.93 -0.76
C PRO B 86 -23.62 -17.93 -0.23
N CYS B 87 -22.78 -17.12 -0.86
CA CYS B 87 -21.36 -17.10 -0.55
C CYS B 87 -20.75 -15.73 -0.83
N ALA B 88 -19.67 -15.44 -0.12
CA ALA B 88 -18.90 -14.22 -0.28
C ALA B 88 -17.43 -14.58 -0.51
N VAL B 89 -16.80 -13.96 -1.51
CA VAL B 89 -15.46 -14.32 -1.94
C VAL B 89 -14.55 -13.10 -1.83
N ARG B 90 -13.33 -13.33 -1.36
CA ARG B 90 -12.27 -12.32 -1.36
C ARG B 90 -11.06 -12.87 -2.09
N PHE B 91 -10.62 -12.16 -3.13
CA PHE B 91 -9.38 -12.44 -3.84
C PHE B 91 -8.27 -11.54 -3.32
N SER B 92 -7.03 -12.04 -3.36
CA SER B 92 -5.92 -11.27 -2.83
C SER B 92 -4.61 -11.71 -3.46
N THR B 93 -3.58 -10.87 -3.29
CA THR B 93 -2.20 -11.28 -3.48
C THR B 93 -1.65 -11.73 -2.13
N THR B 94 -0.34 -11.89 -1.99
CA THR B 94 0.18 -12.48 -0.76
C THR B 94 1.16 -11.60 0.00
N ALA B 95 2.17 -11.08 -0.68
CA ALA B 95 3.37 -10.60 0.00
C ALA B 95 3.35 -9.12 0.36
N LEU B 96 2.83 -8.25 -0.50
CA LEU B 96 3.05 -6.82 -0.36
C LEU B 96 1.89 -6.14 0.38
N GLU B 97 1.93 -4.81 0.43
CA GLU B 97 1.08 -4.01 1.30
C GLU B 97 -0.25 -3.68 0.62
N ARG B 98 -1.02 -2.79 1.25
CA ARG B 98 -2.39 -2.52 0.84
C ARG B 98 -2.46 -1.90 -0.55
N GLY B 99 -1.57 -0.96 -0.86
CA GLY B 99 -1.67 -0.25 -2.12
C GLY B 99 -0.74 -0.73 -3.21
N SER B 100 -0.23 -1.96 -3.08
CA SER B 100 0.75 -2.48 -4.01
C SER B 100 0.08 -2.96 -5.30
N ALA B 101 0.91 -3.20 -6.32
CA ALA B 101 0.41 -3.64 -7.61
C ALA B 101 -0.05 -5.09 -7.55
N GLU B 102 -1.12 -5.40 -8.27
CA GLU B 102 -1.70 -6.73 -8.31
C GLU B 102 -1.15 -7.59 -9.44
N SER B 103 -0.28 -7.05 -10.28
CA SER B 103 0.29 -7.78 -11.41
C SER B 103 1.74 -8.17 -11.15
N VAL B 104 2.05 -8.54 -9.93
CA VAL B 104 3.41 -8.87 -9.53
C VAL B 104 3.60 -10.39 -9.57
N ARG B 105 4.85 -10.83 -9.51
CA ARG B 105 5.17 -12.25 -9.42
C ARG B 105 4.90 -12.70 -8.00
N ASP B 106 3.79 -13.41 -7.80
CA ASP B 106 3.34 -13.79 -6.48
C ASP B 106 2.30 -14.89 -6.60
N VAL B 107 2.00 -15.53 -5.48
CA VAL B 107 0.88 -16.45 -5.39
C VAL B 107 -0.36 -15.67 -4.96
N LYS B 108 -1.52 -16.11 -5.41
CA LYS B 108 -2.78 -15.43 -5.16
C LYS B 108 -3.67 -16.27 -4.25
N GLY B 109 -4.54 -15.58 -3.51
CA GLY B 109 -5.41 -16.23 -2.55
C GLY B 109 -6.87 -16.01 -2.89
N MET B 110 -7.69 -17.00 -2.55
CA MET B 110 -9.13 -17.00 -2.80
C MET B 110 -9.82 -17.53 -1.55
N ALA B 111 -10.56 -16.68 -0.86
CA ALA B 111 -11.24 -17.07 0.37
C ALA B 111 -12.74 -17.04 0.13
N ILE B 112 -13.42 -18.16 0.40
CA ILE B 112 -14.84 -18.32 0.16
C ILE B 112 -15.53 -18.60 1.48
N LYS B 113 -16.53 -17.79 1.81
CA LYS B 113 -17.37 -18.00 2.98
C LYS B 113 -18.76 -18.41 2.48
N LEU B 114 -19.22 -19.59 2.90
CA LEU B 114 -20.50 -20.13 2.48
C LEU B 114 -21.45 -20.15 3.67
N PHE B 115 -22.64 -19.61 3.48
CA PHE B 115 -23.63 -19.47 4.55
C PHE B 115 -24.63 -20.62 4.44
N THR B 116 -24.36 -21.70 5.15
CA THR B 116 -25.18 -22.90 5.10
C THR B 116 -26.15 -22.93 6.28
N GLY B 117 -27.02 -23.95 6.29
CA GLY B 117 -27.95 -24.12 7.39
C GLY B 117 -27.33 -24.64 8.66
N ASP B 118 -26.14 -25.24 8.57
CA ASP B 118 -25.41 -25.74 9.72
C ASP B 118 -24.35 -24.77 10.22
N GLY B 119 -24.27 -23.57 9.66
CA GLY B 119 -23.28 -22.59 10.05
C GLY B 119 -22.49 -22.12 8.86
N GLU B 120 -21.35 -21.48 9.13
CA GLU B 120 -20.49 -20.92 8.11
C GLU B 120 -19.39 -21.90 7.77
N TRP B 121 -19.16 -22.12 6.47
CA TRP B 121 -18.08 -22.98 6.00
C TRP B 121 -17.10 -22.16 5.19
N ASP B 122 -15.82 -22.20 5.56
CA ASP B 122 -14.79 -21.40 4.94
C ASP B 122 -13.85 -22.28 4.11
N TRP B 123 -13.60 -21.87 2.86
CA TRP B 123 -12.58 -22.46 2.01
C TRP B 123 -11.52 -21.39 1.76
N VAL B 124 -10.35 -21.55 2.35
CA VAL B 124 -9.26 -20.58 2.24
C VAL B 124 -8.19 -21.21 1.35
N CYS B 125 -8.13 -20.78 0.09
CA CYS B 125 -7.38 -21.47 -0.94
C CYS B 125 -6.30 -20.58 -1.54
N LEU B 126 -5.27 -21.22 -2.08
CA LEU B 126 -4.28 -20.57 -2.92
C LEU B 126 -4.57 -20.89 -4.38
N ASN B 127 -3.90 -20.16 -5.27
CA ASN B 127 -4.06 -20.42 -6.70
C ASN B 127 -3.22 -21.58 -7.18
N ILE B 128 -2.51 -22.25 -6.28
CA ILE B 128 -1.72 -23.44 -6.60
C ILE B 128 -1.82 -24.43 -5.46
N PRO B 129 -1.80 -25.73 -5.76
CA PRO B 129 -2.00 -26.74 -4.70
C PRO B 129 -0.76 -27.09 -3.90
N MET B 130 0.36 -26.41 -4.10
CA MET B 130 1.57 -26.64 -3.32
C MET B 130 1.88 -25.41 -2.47
N PHE B 131 2.71 -25.60 -1.45
CA PHE B 131 3.13 -24.52 -0.58
C PHE B 131 4.64 -24.54 -0.42
N PHE B 132 5.17 -23.52 0.26
CA PHE B 132 6.61 -23.36 0.38
C PHE B 132 7.22 -24.34 1.38
N ILE B 133 6.52 -24.63 2.47
CA ILE B 133 7.09 -25.36 3.59
C ILE B 133 6.06 -26.33 4.15
N ARG B 134 6.54 -27.25 4.99
CA ARG B 134 5.66 -28.16 5.72
C ARG B 134 5.84 -28.06 7.23
N ASP B 135 6.79 -27.27 7.71
CA ASP B 135 7.01 -27.09 9.14
C ASP B 135 6.48 -25.73 9.55
N PRO B 136 5.42 -25.64 10.35
CA PRO B 136 4.81 -24.34 10.65
C PRO B 136 5.72 -23.38 11.39
N SER B 137 6.68 -23.88 12.17
CA SER B 137 7.55 -23.01 12.95
C SER B 137 8.44 -22.13 12.08
N LYS B 138 8.55 -22.46 10.79
CA LYS B 138 9.31 -21.66 9.84
C LYS B 138 8.46 -20.62 9.11
N PHE B 139 7.17 -20.53 9.41
CA PHE B 139 6.29 -19.65 8.64
C PHE B 139 6.67 -18.18 8.73
N PRO B 140 6.90 -17.59 9.91
CA PRO B 140 7.23 -16.15 9.92
C PRO B 140 8.48 -15.81 9.13
N ASP B 141 9.53 -16.62 9.26
CA ASP B 141 10.77 -16.35 8.52
C ASP B 141 10.51 -16.29 7.02
N LEU B 142 9.76 -17.27 6.50
CA LEU B 142 9.38 -17.26 5.09
C LEU B 142 8.70 -15.96 4.72
N VAL B 143 7.76 -15.50 5.56
CA VAL B 143 7.09 -14.24 5.29
C VAL B 143 8.10 -13.10 5.25
N HIS B 144 9.02 -13.08 6.21
CA HIS B 144 10.03 -12.02 6.23
C HIS B 144 10.93 -12.10 5.01
N ALA B 145 11.06 -13.28 4.40
CA ALA B 145 11.88 -13.39 3.20
C ALA B 145 11.22 -12.77 1.98
N GLN B 146 9.93 -12.46 2.04
CA GLN B 146 9.22 -11.89 0.91
C GLN B 146 8.77 -10.46 1.11
N ARG B 147 8.89 -9.92 2.33
CA ARG B 147 8.60 -8.53 2.61
C ARG B 147 9.75 -7.64 2.13
N PRO B 148 9.53 -6.34 2.00
CA PRO B 148 10.61 -5.43 1.60
C PRO B 148 11.77 -5.45 2.60
N ASP B 149 12.88 -4.86 2.17
CA ASP B 149 14.10 -4.83 2.97
C ASP B 149 13.84 -4.16 4.31
N PRO B 150 14.23 -4.79 5.43
CA PRO B 150 13.92 -4.21 6.75
C PRO B 150 14.66 -2.91 7.03
N ALA B 151 15.70 -2.57 6.28
CA ALA B 151 16.43 -1.33 6.47
C ALA B 151 16.08 -0.25 5.45
N THR B 152 15.87 -0.63 4.18
CA THR B 152 15.64 0.33 3.12
C THR B 152 14.22 0.37 2.59
N ASN B 153 13.38 -0.62 2.96
CA ASN B 153 12.01 -0.72 2.47
C ASN B 153 11.94 -0.90 0.96
N LEU B 154 12.97 -1.51 0.37
CA LEU B 154 13.01 -1.80 -1.05
C LEU B 154 12.98 -3.31 -1.26
N ALA B 155 12.77 -3.70 -2.52
CA ALA B 155 12.74 -5.11 -2.87
C ALA B 155 14.12 -5.74 -2.65
N ASN B 156 14.13 -6.92 -2.04
CA ASN B 156 15.38 -7.57 -1.62
C ASN B 156 15.37 -9.03 -2.05
N PRO B 157 15.88 -9.34 -3.24
CA PRO B 157 15.97 -10.75 -3.66
C PRO B 157 16.92 -11.58 -2.81
N ALA B 158 17.87 -10.95 -2.12
CA ALA B 158 18.87 -11.71 -1.37
C ALA B 158 18.24 -12.50 -0.24
N ALA B 159 17.25 -11.93 0.44
CA ALA B 159 16.60 -12.63 1.54
C ALA B 159 15.85 -13.86 1.05
N TRP B 160 15.22 -13.76 -0.12
CA TRP B 160 14.45 -14.88 -0.66
C TRP B 160 15.36 -16.07 -1.03
N TRP B 161 16.49 -15.79 -1.67
CA TRP B 161 17.35 -16.87 -2.12
C TRP B 161 18.11 -17.53 -0.98
N GLU B 162 18.40 -16.77 0.08
CA GLU B 162 18.98 -17.37 1.29
C GLU B 162 18.03 -18.38 1.91
N PHE B 163 16.74 -18.03 1.98
CA PHE B 163 15.74 -18.95 2.51
C PHE B 163 15.65 -20.22 1.67
N VAL B 164 15.66 -20.07 0.34
CA VAL B 164 15.57 -21.23 -0.54
C VAL B 164 16.80 -22.12 -0.37
N CYS B 165 17.99 -21.52 -0.29
CA CYS B 165 19.19 -22.31 -0.09
C CYS B 165 19.23 -22.95 1.28
N ASN B 166 18.49 -22.42 2.26
CA ASN B 166 18.44 -23.00 3.59
C ASN B 166 17.26 -23.94 3.79
N ASN B 167 16.27 -23.93 2.90
CA ASN B 167 15.05 -24.74 3.05
C ASN B 167 14.72 -25.33 1.68
N HIS B 168 15.23 -26.55 1.44
CA HIS B 168 15.13 -27.16 0.10
C HIS B 168 13.71 -27.54 -0.27
N GLU B 169 12.83 -27.74 0.71
CA GLU B 169 11.44 -28.13 0.41
C GLU B 169 10.68 -27.02 -0.29
N SER B 170 11.19 -25.80 -0.34
CA SER B 170 10.57 -24.74 -1.12
C SER B 170 10.96 -24.77 -2.59
N LEU B 171 11.94 -25.61 -2.96
CA LEU B 171 12.45 -25.62 -4.33
C LEU B 171 11.34 -25.84 -5.34
N HIS B 172 10.47 -26.82 -5.08
CA HIS B 172 9.31 -27.05 -5.92
C HIS B 172 8.58 -25.75 -6.21
N MET B 173 8.15 -25.05 -5.16
CA MET B 173 7.40 -23.82 -5.36
C MET B 173 8.25 -22.80 -6.12
N ALA B 174 9.55 -22.76 -5.85
CA ALA B 174 10.42 -21.84 -6.56
C ALA B 174 10.34 -22.05 -8.06
N VAL B 175 10.38 -23.32 -8.49
CA VAL B 175 10.34 -23.59 -9.93
C VAL B 175 9.02 -23.10 -10.50
N PHE B 176 7.94 -23.21 -9.73
CA PHE B 176 6.65 -22.71 -10.20
C PHE B 176 6.66 -21.20 -10.33
N LEU B 177 7.33 -20.50 -9.40
CA LEU B 177 7.13 -19.05 -9.29
C LEU B 177 7.81 -18.30 -10.42
N PHE B 178 8.88 -18.85 -10.99
CA PHE B 178 9.64 -18.14 -12.01
C PHE B 178 9.31 -18.61 -13.43
N THR B 179 8.22 -19.37 -13.59
CA THR B 179 7.68 -19.65 -14.91
C THR B 179 6.68 -18.55 -15.27
N ASP B 180 5.96 -18.72 -16.39
CA ASP B 180 4.91 -17.78 -16.74
C ASP B 180 3.77 -17.81 -15.73
N PHE B 181 3.54 -18.96 -15.10
CA PHE B 181 2.47 -19.09 -14.12
C PHE B 181 2.66 -18.13 -12.94
N GLY B 182 3.89 -17.66 -12.70
CA GLY B 182 4.10 -16.68 -11.65
C GLY B 182 3.40 -15.36 -11.95
N THR B 183 3.38 -14.95 -13.23
CA THR B 183 2.66 -13.76 -13.67
C THR B 183 1.76 -14.16 -14.83
N MET B 184 0.59 -14.72 -14.49
CA MET B 184 -0.37 -15.14 -15.52
C MET B 184 -1.82 -14.83 -15.18
N PHE B 185 -2.17 -14.69 -13.91
CA PHE B 185 -3.56 -14.74 -13.48
C PHE B 185 -4.02 -13.40 -12.94
N ASP B 186 -5.24 -13.02 -13.28
CA ASP B 186 -5.99 -12.01 -12.56
C ASP B 186 -7.01 -12.72 -11.68
N TYR B 187 -7.92 -11.97 -11.07
CA TYR B 187 -8.87 -12.57 -10.15
C TYR B 187 -9.90 -13.46 -10.85
N ARG B 188 -10.11 -13.29 -12.15
CA ARG B 188 -11.09 -14.09 -12.86
C ARG B 188 -10.51 -15.36 -13.46
N SER B 189 -9.25 -15.34 -13.89
CA SER B 189 -8.65 -16.48 -14.57
C SER B 189 -7.91 -17.43 -13.64
N MET B 190 -7.83 -17.12 -12.35
CA MET B 190 -7.12 -17.98 -11.41
C MET B 190 -8.03 -19.11 -10.91
N SER B 191 -7.40 -20.15 -10.38
CA SER B 191 -8.07 -21.27 -9.74
C SER B 191 -7.80 -21.26 -8.24
N GLY B 192 -8.49 -22.13 -7.52
CA GLY B 192 -8.32 -22.21 -6.09
C GLY B 192 -8.20 -23.63 -5.58
N TYR B 193 -7.28 -23.87 -4.64
CA TYR B 193 -7.03 -25.19 -4.07
C TYR B 193 -6.90 -25.07 -2.56
N VAL B 194 -7.61 -25.93 -1.81
CA VAL B 194 -7.48 -25.89 -0.36
C VAL B 194 -6.12 -26.42 0.09
N SER B 195 -5.50 -27.27 -0.72
CA SER B 195 -4.10 -27.68 -0.61
C SER B 195 -3.83 -28.61 0.57
N HIS B 196 -4.80 -28.79 1.46
CA HIS B 196 -4.67 -29.69 2.59
C HIS B 196 -5.53 -30.93 2.38
N ALA B 197 -5.21 -31.97 3.13
CA ALA B 197 -6.08 -33.12 3.23
C ALA B 197 -7.06 -32.88 4.36
N TYR B 198 -8.35 -33.06 4.08
CA TYR B 198 -9.38 -33.01 5.10
C TYR B 198 -10.02 -34.39 5.23
N LYS B 199 -10.92 -34.53 6.20
CA LYS B 199 -11.62 -35.79 6.41
C LYS B 199 -13.11 -35.57 6.21
N TRP B 200 -13.71 -36.41 5.36
CA TRP B 200 -15.16 -36.43 5.19
C TRP B 200 -15.70 -37.69 5.84
N VAL B 201 -16.67 -37.52 6.74
CA VAL B 201 -17.12 -38.57 7.65
C VAL B 201 -18.57 -38.91 7.35
N MET B 202 -18.86 -40.20 7.24
CA MET B 202 -20.21 -40.73 7.08
C MET B 202 -20.86 -40.97 8.45
N PRO B 203 -22.19 -41.01 8.51
CA PRO B 203 -22.86 -41.19 9.81
C PRO B 203 -22.52 -42.50 10.50
N ASP B 204 -22.06 -43.52 9.78
CA ASP B 204 -21.69 -44.78 10.41
C ASP B 204 -20.27 -44.78 10.96
N GLY B 205 -19.52 -43.69 10.80
CA GLY B 205 -18.21 -43.54 11.37
C GLY B 205 -17.07 -43.69 10.39
N THR B 206 -17.31 -44.21 9.19
CA THR B 206 -16.27 -44.34 8.20
C THR B 206 -15.96 -42.96 7.58
N TRP B 207 -14.71 -42.79 7.15
CA TRP B 207 -14.28 -41.49 6.66
C TRP B 207 -13.25 -41.68 5.55
N LYS B 208 -13.05 -40.60 4.79
CA LYS B 208 -12.07 -40.60 3.70
C LYS B 208 -11.27 -39.31 3.72
N TYR B 209 -10.03 -39.38 3.23
CA TYR B 209 -9.22 -38.20 3.00
C TYR B 209 -9.67 -37.52 1.71
N VAL B 210 -9.85 -36.21 1.76
CA VAL B 210 -10.41 -35.47 0.63
C VAL B 210 -9.58 -34.22 0.36
N HIS B 211 -9.60 -33.80 -0.90
CA HIS B 211 -9.01 -32.52 -1.30
C HIS B 211 -9.83 -31.96 -2.45
N TRP B 212 -10.41 -30.78 -2.27
CA TRP B 212 -11.27 -30.19 -3.29
C TRP B 212 -10.69 -28.87 -3.78
N PHE B 213 -11.09 -28.50 -4.99
CA PHE B 213 -10.55 -27.32 -5.65
C PHE B 213 -11.56 -26.76 -6.65
N LEU B 214 -11.32 -25.52 -7.05
CA LEU B 214 -12.20 -24.78 -7.97
C LEU B 214 -11.43 -24.46 -9.23
N ALA B 215 -11.87 -25.01 -10.36
CA ALA B 215 -11.25 -24.78 -11.66
C ALA B 215 -11.97 -23.65 -12.37
N SER B 216 -11.19 -22.66 -12.83
CA SER B 216 -11.75 -21.49 -13.48
C SER B 216 -12.38 -21.84 -14.82
N ASP B 217 -13.56 -21.30 -15.07
CA ASP B 217 -14.25 -21.47 -16.35
C ASP B 217 -13.85 -20.42 -17.38
N GLN B 218 -13.05 -19.43 -16.99
CA GLN B 218 -12.57 -18.39 -17.90
C GLN B 218 -11.09 -18.15 -17.68
N GLY B 219 -10.33 -19.24 -17.51
CA GLY B 219 -8.91 -19.15 -17.29
C GLY B 219 -8.17 -20.31 -17.89
N PRO B 220 -6.84 -20.27 -17.84
CA PRO B 220 -6.03 -21.33 -18.45
C PRO B 220 -5.91 -22.54 -17.53
N ASN B 221 -5.20 -23.56 -18.04
CA ASN B 221 -4.84 -24.72 -17.23
C ASN B 221 -3.35 -25.03 -17.42
N PHE B 222 -2.91 -26.16 -16.87
CA PHE B 222 -1.48 -26.50 -16.96
C PHE B 222 -1.06 -26.75 -18.41
N GLU B 223 -1.91 -27.39 -19.20
CA GLU B 223 -1.53 -27.79 -20.55
C GLU B 223 -1.68 -26.66 -21.56
N GLN B 224 -2.79 -25.92 -21.50
CA GLN B 224 -3.08 -24.89 -22.50
C GLN B 224 -3.47 -23.58 -21.82
N GLY B 225 -3.24 -22.49 -22.55
CA GLY B 225 -3.68 -21.18 -22.11
C GLY B 225 -2.59 -20.31 -21.51
N ASN B 226 -2.59 -19.03 -21.86
CA ASN B 226 -1.66 -18.06 -21.30
C ASN B 226 -2.44 -16.78 -21.02
N GLN B 227 -1.71 -15.72 -20.67
CA GLN B 227 -2.33 -14.43 -20.41
C GLN B 227 -2.91 -13.83 -21.68
N THR B 228 -4.12 -13.28 -21.58
CA THR B 228 -4.76 -12.62 -22.69
C THR B 228 -5.07 -11.15 -22.43
N ARG B 229 -4.92 -10.67 -21.20
CA ARG B 229 -5.21 -9.29 -20.81
C ARG B 229 -3.97 -8.73 -20.13
N GLU B 230 -3.10 -8.08 -20.89
CA GLU B 230 -1.94 -7.43 -20.33
C GLU B 230 -2.35 -6.19 -19.55
N ALA B 231 -1.82 -6.04 -18.34
CA ALA B 231 -2.18 -4.90 -17.51
C ALA B 231 -1.52 -3.62 -18.02
N ALA B 232 -2.09 -2.50 -17.61
CA ALA B 232 -1.56 -1.20 -18.01
C ALA B 232 -0.17 -0.98 -17.40
N PRO B 233 0.66 -0.16 -18.04
CA PRO B 233 2.04 0.01 -17.54
C PRO B 233 2.12 0.56 -16.13
N ASN B 234 1.20 1.41 -15.69
CA ASN B 234 1.29 2.03 -14.37
C ASN B 234 0.03 1.79 -13.54
N ASP B 235 -0.66 0.68 -13.77
CA ASP B 235 -1.90 0.38 -13.07
C ASP B 235 -1.61 -0.57 -11.91
N SER B 236 -1.90 -0.12 -10.69
CA SER B 236 -1.73 -0.94 -9.50
C SER B 236 -2.97 -1.72 -9.12
N GLU B 237 -4.11 -1.46 -9.75
CA GLU B 237 -5.36 -2.13 -9.43
C GLU B 237 -5.99 -2.71 -10.70
N SER B 238 -5.17 -3.39 -11.50
CA SER B 238 -5.65 -3.94 -12.76
C SER B 238 -6.64 -5.09 -12.54
N ALA B 239 -6.35 -5.97 -11.58
CA ALA B 239 -7.22 -7.13 -11.36
C ALA B 239 -8.56 -6.71 -10.74
N THR B 240 -8.52 -5.77 -9.78
CA THR B 240 -9.75 -5.25 -9.20
C THR B 240 -10.61 -4.57 -10.26
N ARG B 241 -9.99 -3.77 -11.12
CA ARG B 241 -10.73 -3.13 -12.20
C ARG B 241 -11.31 -4.17 -13.16
N ASP B 242 -10.55 -5.21 -13.48
CA ASP B 242 -11.03 -6.26 -14.37
C ASP B 242 -12.28 -6.93 -13.79
N LEU B 243 -12.22 -7.33 -12.51
CA LEU B 243 -13.36 -7.97 -11.88
C LEU B 243 -14.56 -7.03 -11.81
N TYR B 244 -14.34 -5.78 -11.42
CA TYR B 244 -15.44 -4.83 -11.28
C TYR B 244 -16.12 -4.57 -12.62
N GLN B 245 -15.33 -4.38 -13.67
CA GLN B 245 -15.90 -4.13 -14.99
C GLN B 245 -16.62 -5.35 -15.52
N SER B 246 -16.08 -6.56 -15.28
CA SER B 246 -16.78 -7.76 -15.72
C SER B 246 -18.12 -7.91 -15.02
N LEU B 247 -18.16 -7.60 -13.72
CA LEU B 247 -19.44 -7.66 -12.99
C LEU B 247 -20.42 -6.60 -13.49
N GLU B 248 -19.92 -5.41 -13.83
CA GLU B 248 -20.81 -4.35 -14.30
C GLU B 248 -21.32 -4.61 -15.71
N ARG B 249 -20.57 -5.34 -16.53
CA ARG B 249 -21.01 -5.62 -17.90
C ARG B 249 -22.12 -6.67 -17.95
N GLY B 250 -22.36 -7.40 -16.87
CA GLY B 250 -23.32 -8.48 -16.86
C GLY B 250 -22.71 -9.86 -16.95
N GLU B 251 -21.42 -9.96 -17.23
CA GLU B 251 -20.75 -11.26 -17.26
C GLU B 251 -20.55 -11.77 -15.84
N CYS B 252 -20.89 -13.03 -15.61
CA CYS B 252 -20.75 -13.64 -14.30
C CYS B 252 -19.66 -14.71 -14.34
N PRO B 253 -18.53 -14.52 -13.68
CA PRO B 253 -17.50 -15.57 -13.64
C PRO B 253 -18.01 -16.79 -12.89
N SER B 254 -17.52 -17.97 -13.30
CA SER B 254 -17.94 -19.22 -12.70
C SER B 254 -16.73 -20.12 -12.48
N TRP B 255 -16.87 -21.03 -11.52
CA TRP B 255 -15.86 -22.02 -11.21
C TRP B 255 -16.52 -23.38 -11.06
N THR B 256 -15.81 -24.43 -11.47
CA THR B 256 -16.27 -25.81 -11.32
C THR B 256 -15.57 -26.45 -10.13
N VAL B 257 -16.33 -26.98 -9.20
CA VAL B 257 -15.78 -27.55 -7.96
C VAL B 257 -15.60 -29.04 -8.14
N LYS B 258 -14.40 -29.54 -7.80
CA LYS B 258 -14.06 -30.94 -7.95
C LYS B 258 -13.37 -31.43 -6.67
N VAL B 259 -13.42 -32.73 -6.44
CA VAL B 259 -12.87 -33.33 -5.23
C VAL B 259 -12.11 -34.61 -5.58
N GLN B 260 -11.04 -34.87 -4.83
CA GLN B 260 -10.25 -36.09 -4.90
C GLN B 260 -10.33 -36.82 -3.58
N VAL B 261 -10.50 -38.14 -3.65
CA VAL B 261 -10.82 -38.99 -2.50
C VAL B 261 -9.78 -40.09 -2.38
N ILE B 262 -9.28 -40.30 -1.15
CA ILE B 262 -8.32 -41.35 -0.85
C ILE B 262 -8.78 -42.11 0.38
N ASP B 263 -8.78 -43.44 0.30
CA ASP B 263 -9.12 -44.26 1.45
C ASP B 263 -7.99 -44.21 2.48
N PRO B 264 -8.32 -44.17 3.78
CA PRO B 264 -7.27 -44.09 4.80
C PRO B 264 -6.30 -45.25 4.78
N GLU B 265 -6.73 -46.45 4.42
CA GLU B 265 -5.83 -47.60 4.37
C GLU B 265 -4.92 -47.61 3.15
N ASP B 266 -5.19 -46.77 2.15
CA ASP B 266 -4.33 -46.69 0.98
C ASP B 266 -3.29 -45.57 1.08
N ALA B 267 -3.45 -44.65 2.04
CA ALA B 267 -2.50 -43.55 2.17
C ALA B 267 -1.10 -44.00 2.57
N PRO B 268 -0.90 -44.90 3.53
CA PRO B 268 0.48 -45.26 3.91
C PRO B 268 1.28 -45.93 2.81
N ARG B 269 0.63 -46.47 1.77
CA ARG B 269 1.32 -47.16 0.69
C ARG B 269 1.59 -46.28 -0.52
N LEU B 270 1.25 -45.00 -0.47
CA LEU B 270 1.48 -44.13 -1.61
C LEU B 270 2.96 -43.77 -1.74
N ALA B 271 3.35 -43.38 -2.95
CA ALA B 271 4.73 -43.00 -3.22
C ALA B 271 5.08 -41.63 -2.66
N PHE B 272 4.09 -40.86 -2.19
CA PHE B 272 4.33 -39.57 -1.58
C PHE B 272 3.43 -39.42 -0.36
N ASN B 273 3.75 -38.45 0.48
CA ASN B 273 2.98 -38.19 1.69
C ASN B 273 1.89 -37.17 1.39
N ILE B 274 0.63 -37.57 1.58
CA ILE B 274 -0.49 -36.66 1.36
C ILE B 274 -0.69 -35.70 2.53
N LEU B 275 0.00 -35.89 3.63
CA LEU B 275 -0.01 -34.96 4.74
C LEU B 275 1.06 -33.88 4.60
N ASP B 276 1.81 -33.89 3.50
CA ASP B 276 2.82 -32.88 3.21
C ASP B 276 2.21 -31.84 2.28
N VAL B 277 1.97 -30.64 2.80
CA VAL B 277 1.28 -29.61 2.03
C VAL B 277 2.17 -29.05 0.92
N SER B 278 3.47 -29.32 0.94
CA SER B 278 4.35 -28.84 -0.11
C SER B 278 4.26 -29.70 -1.38
N LYS B 279 3.57 -30.83 -1.33
CA LYS B 279 3.35 -31.67 -2.49
C LYS B 279 1.91 -31.54 -2.97
N HIS B 280 1.70 -31.83 -4.25
CA HIS B 280 0.37 -31.88 -4.83
C HIS B 280 0.00 -33.33 -5.12
N TRP B 281 -1.29 -33.55 -5.36
CA TRP B 281 -1.82 -34.86 -5.72
C TRP B 281 -1.94 -34.91 -7.24
N ASN B 282 -1.25 -35.87 -7.86
CA ASN B 282 -1.10 -35.89 -9.30
C ASN B 282 -2.46 -36.06 -9.98
N LEU B 283 -2.73 -35.18 -10.94
CA LEU B 283 -3.94 -35.25 -11.76
C LEU B 283 -3.65 -35.73 -13.18
N GLY B 284 -2.38 -35.94 -13.53
CA GLY B 284 -2.04 -36.44 -14.84
C GLY B 284 -0.95 -35.68 -15.57
N ASN B 285 -0.21 -34.83 -14.88
CA ASN B 285 0.87 -34.06 -15.50
C ASN B 285 2.25 -34.52 -15.05
N TYR B 286 2.52 -34.53 -13.75
CA TYR B 286 3.84 -34.90 -13.24
C TYR B 286 3.71 -35.19 -11.75
N PRO B 287 4.58 -36.03 -11.20
CA PRO B 287 5.59 -36.86 -11.88
C PRO B 287 4.96 -38.09 -12.54
N PRO B 288 5.50 -38.50 -13.70
CA PRO B 288 4.87 -39.59 -14.45
C PRO B 288 4.79 -40.91 -13.70
N ASP B 289 5.75 -41.22 -12.82
CA ASP B 289 5.77 -42.51 -12.15
C ASP B 289 4.81 -42.59 -10.97
N ILE B 290 4.22 -41.49 -10.55
CA ILE B 290 3.22 -41.48 -9.48
C ILE B 290 1.84 -41.62 -10.13
N PRO B 291 1.04 -42.62 -9.75
CA PRO B 291 -0.26 -42.81 -10.40
C PRO B 291 -1.22 -41.68 -10.11
N VAL B 292 -2.17 -41.51 -11.02
CA VAL B 292 -3.14 -40.42 -10.97
C VAL B 292 -4.18 -40.70 -9.89
N ILE B 293 -4.53 -39.66 -9.14
CA ILE B 293 -5.67 -39.69 -8.23
C ILE B 293 -6.82 -38.93 -8.89
N PRO B 294 -7.86 -39.61 -9.37
CA PRO B 294 -8.87 -38.92 -10.17
C PRO B 294 -9.78 -38.05 -9.32
N GLU B 295 -10.36 -37.06 -9.98
CA GLU B 295 -11.30 -36.14 -9.35
C GLU B 295 -12.71 -36.40 -9.85
N ARG B 296 -13.68 -35.92 -9.08
CA ARG B 296 -15.08 -35.97 -9.48
C ARG B 296 -15.74 -34.63 -9.20
N CYS B 297 -16.70 -34.26 -10.04
CA CYS B 297 -17.37 -32.97 -9.94
C CYS B 297 -18.36 -32.96 -8.78
N VAL B 298 -18.56 -31.77 -8.22
CA VAL B 298 -19.48 -31.58 -7.10
C VAL B 298 -20.52 -30.55 -7.47
N GLY B 299 -20.09 -29.34 -7.81
CA GLY B 299 -21.01 -28.26 -8.11
C GLY B 299 -20.35 -27.12 -8.86
N LYS B 300 -20.93 -25.93 -8.71
CA LYS B 300 -20.50 -24.76 -9.46
C LYS B 300 -20.66 -23.51 -8.60
N LEU B 301 -19.71 -22.59 -8.72
CA LEU B 301 -19.75 -21.32 -8.00
C LEU B 301 -19.77 -20.18 -9.00
N THR B 302 -20.77 -19.29 -8.86
CA THR B 302 -20.94 -18.16 -9.77
C THR B 302 -20.97 -16.86 -8.97
N LEU B 303 -20.18 -15.88 -9.39
CA LEU B 303 -20.15 -14.57 -8.76
C LEU B 303 -21.16 -13.65 -9.42
N LYS B 304 -21.89 -12.89 -8.61
CA LYS B 304 -22.99 -12.09 -9.11
C LYS B 304 -22.78 -10.59 -8.94
N LYS B 305 -22.37 -10.13 -7.76
CA LYS B 305 -22.42 -8.69 -7.50
C LYS B 305 -21.24 -8.25 -6.64
N GLY B 306 -20.96 -6.95 -6.68
CA GLY B 306 -19.92 -6.36 -5.87
C GLY B 306 -20.47 -5.73 -4.60
N PRO B 307 -19.57 -5.24 -3.74
CA PRO B 307 -20.01 -4.67 -2.47
C PRO B 307 -20.51 -3.23 -2.61
N GLU B 308 -21.20 -2.78 -1.57
CA GLU B 308 -21.64 -1.40 -1.45
C GLU B 308 -20.70 -0.56 -0.60
N ASN B 309 -20.11 -1.15 0.43
CA ASN B 309 -19.15 -0.47 1.31
C ASN B 309 -17.93 -1.38 1.43
N TYR B 310 -16.84 -0.99 0.77
CA TYR B 310 -15.67 -1.86 0.70
C TYR B 310 -15.06 -2.11 2.07
N PHE B 311 -14.91 -1.05 2.88
CA PHE B 311 -14.26 -1.22 4.17
C PHE B 311 -15.08 -2.07 5.13
N GLU B 312 -16.39 -1.87 5.17
CA GLU B 312 -17.23 -2.61 6.10
C GLU B 312 -17.47 -4.05 5.66
N GLU B 313 -17.47 -4.31 4.36
CA GLU B 313 -17.85 -5.63 3.84
C GLU B 313 -16.66 -6.50 3.46
N ILE B 314 -15.61 -5.93 2.87
CA ILE B 314 -14.48 -6.70 2.38
C ILE B 314 -13.27 -6.61 3.32
N GLU B 315 -12.92 -5.40 3.74
CA GLU B 315 -11.72 -5.20 4.54
C GLU B 315 -11.84 -5.85 5.92
N LYS B 316 -13.04 -5.88 6.49
CA LYS B 316 -13.24 -6.44 7.82
C LYS B 316 -13.73 -7.87 7.79
N LEU B 317 -13.71 -8.52 6.63
CA LEU B 317 -14.07 -9.93 6.54
C LEU B 317 -13.07 -10.79 7.29
N ALA B 318 -13.57 -11.76 8.05
CA ALA B 318 -12.74 -12.66 8.82
C ALA B 318 -12.93 -14.08 8.30
N PHE B 319 -11.84 -14.69 7.87
CA PHE B 319 -11.84 -16.07 7.38
C PHE B 319 -11.00 -16.94 8.32
N SER B 320 -11.37 -18.21 8.42
CA SER B 320 -10.62 -19.14 9.23
C SER B 320 -10.84 -20.57 8.75
N PRO B 321 -9.78 -21.36 8.59
CA PRO B 321 -9.98 -22.79 8.30
C PRO B 321 -10.69 -23.53 9.41
N SER B 322 -10.76 -22.96 10.62
CA SER B 322 -11.48 -23.59 11.73
C SER B 322 -12.99 -23.42 11.63
N HIS B 323 -13.49 -22.63 10.69
CA HIS B 323 -14.93 -22.54 10.44
C HIS B 323 -15.37 -23.78 9.67
N LEU B 324 -15.97 -24.73 10.38
CA LEU B 324 -16.31 -26.02 9.81
C LEU B 324 -17.75 -26.36 10.12
N VAL B 325 -18.32 -27.23 9.29
CA VAL B 325 -19.70 -27.68 9.48
C VAL B 325 -19.70 -29.17 9.80
N HIS B 326 -20.88 -29.71 10.08
CA HIS B 326 -21.00 -31.13 10.42
C HIS B 326 -20.64 -32.00 9.22
N GLY B 327 -19.77 -32.97 9.44
CA GLY B 327 -19.35 -33.90 8.40
C GLY B 327 -17.96 -33.68 7.83
N VAL B 328 -17.31 -32.56 8.13
CA VAL B 328 -15.96 -32.29 7.64
C VAL B 328 -15.06 -31.99 8.84
N GLU B 329 -13.89 -32.62 8.88
CA GLU B 329 -12.92 -32.49 9.94
C GLU B 329 -11.54 -32.20 9.37
N PRO B 330 -10.66 -31.62 10.16
CA PRO B 330 -9.26 -31.49 9.73
C PRO B 330 -8.51 -32.81 9.87
N SER B 331 -7.41 -32.91 9.15
CA SER B 331 -6.51 -34.05 9.23
C SER B 331 -5.35 -33.74 10.16
N GLU B 332 -4.35 -34.62 10.18
CA GLU B 332 -3.19 -34.49 11.03
C GLU B 332 -2.09 -33.64 10.40
N ASP B 333 -2.41 -32.84 9.39
CA ASP B 333 -1.45 -31.92 8.79
C ASP B 333 -0.99 -30.91 9.83
N PRO B 334 0.31 -30.79 10.12
CA PRO B 334 0.74 -29.83 11.14
C PRO B 334 0.55 -28.38 10.75
N MET B 335 0.68 -28.07 9.45
CA MET B 335 0.41 -26.72 8.98
C MET B 335 -1.06 -26.35 9.19
N LEU B 336 -1.96 -27.30 8.88
CA LEU B 336 -3.39 -27.06 9.11
C LEU B 336 -3.69 -26.90 10.59
N GLN B 337 -3.04 -27.70 11.43
CA GLN B 337 -3.24 -27.59 12.87
C GLN B 337 -2.78 -26.22 13.39
N ALA B 338 -1.66 -25.71 12.87
CA ALA B 338 -1.22 -24.37 13.26
C ALA B 338 -2.19 -23.30 12.76
N ARG B 339 -2.72 -23.46 11.55
CA ARG B 339 -3.66 -22.48 10.96
C ARG B 339 -4.97 -22.48 11.76
N LEU B 340 -5.31 -23.61 12.38
CA LEU B 340 -6.53 -23.65 13.19
C LEU B 340 -6.46 -22.66 14.34
N PHE B 341 -5.27 -22.41 14.89
CA PHE B 341 -5.09 -21.47 15.98
C PHE B 341 -4.76 -20.06 15.48
N ALA B 342 -3.97 -19.95 14.40
CA ALA B 342 -3.39 -18.66 14.05
C ALA B 342 -4.43 -17.63 13.64
N TYR B 343 -5.43 -18.04 12.85
CA TYR B 343 -6.35 -17.08 12.27
C TYR B 343 -7.21 -16.35 13.31
N PRO B 344 -7.85 -17.02 14.27
CA PRO B 344 -8.59 -16.25 15.29
C PRO B 344 -7.71 -15.32 16.12
N ASP B 345 -6.47 -15.72 16.42
CA ASP B 345 -5.56 -14.86 17.17
C ASP B 345 -5.19 -13.61 16.37
N ALA B 346 -4.88 -13.79 15.08
CA ALA B 346 -4.56 -12.66 14.24
C ALA B 346 -5.76 -11.73 14.11
N GLN B 347 -6.97 -12.29 14.00
CA GLN B 347 -8.15 -11.45 13.94
C GLN B 347 -8.42 -10.75 15.25
N GLU B 348 -8.05 -11.37 16.37
CA GLU B 348 -8.16 -10.70 17.67
C GLU B 348 -7.27 -9.48 17.73
N HIS B 349 -6.06 -9.58 17.17
CA HIS B 349 -5.21 -8.39 17.10
C HIS B 349 -5.77 -7.37 16.12
N ARG B 350 -6.15 -7.80 14.92
CA ARG B 350 -6.49 -6.88 13.84
C ARG B 350 -7.85 -6.22 14.04
N LEU B 351 -8.86 -6.97 14.45
CA LEU B 351 -10.22 -6.46 14.58
C LEU B 351 -10.65 -6.32 16.03
N GLY B 352 -9.73 -6.43 16.99
CA GLY B 352 -10.10 -6.46 18.37
C GLY B 352 -10.54 -5.10 18.89
N PRO B 353 -10.90 -5.05 20.17
CA PRO B 353 -11.40 -3.80 20.75
C PRO B 353 -10.36 -2.69 20.83
N GLN B 354 -9.17 -2.91 20.31
CA GLN B 354 -8.07 -1.95 20.39
C GLN B 354 -8.01 -1.01 19.19
N PHE B 355 -8.28 -1.51 17.99
CA PHE B 355 -8.19 -0.73 16.76
C PHE B 355 -6.81 -0.10 16.57
N VAL B 378 -20.00 -37.22 15.19
CA VAL B 378 -19.86 -38.64 14.90
C VAL B 378 -18.43 -39.10 15.14
N PRO B 379 -18.26 -40.09 16.03
CA PRO B 379 -16.91 -40.61 16.30
C PRO B 379 -16.33 -41.25 15.06
N LEU B 380 -15.00 -41.18 14.95
CA LEU B 380 -14.28 -41.68 13.78
C LEU B 380 -13.85 -43.13 13.98
N GLN B 381 -13.89 -43.89 12.89
CA GLN B 381 -13.43 -45.27 12.93
C GLN B 381 -11.92 -45.34 13.17
N LYS B 382 -11.51 -46.31 13.99
CA LYS B 382 -10.10 -46.54 14.24
C LYS B 382 -9.45 -47.25 13.06
N GLN B 383 -8.22 -46.87 12.75
CA GLN B 383 -7.48 -47.44 11.63
C GLN B 383 -6.46 -48.47 12.14
N SER B 384 -5.62 -48.95 11.23
CA SER B 384 -4.66 -50.01 11.54
C SER B 384 -3.39 -49.43 12.15
N ARG B 385 -2.53 -50.33 12.64
CA ARG B 385 -1.26 -49.94 13.24
C ARG B 385 -0.34 -49.28 12.20
N GLU B 386 -0.35 -49.79 10.97
CA GLU B 386 0.46 -49.19 9.91
C GLU B 386 0.04 -47.75 9.64
N HIS B 387 -1.27 -47.49 9.66
CA HIS B 387 -1.76 -46.13 9.56
C HIS B 387 -1.28 -45.28 10.73
N ALA B 388 -1.21 -45.88 11.92
CA ALA B 388 -0.73 -45.14 13.09
C ALA B 388 0.73 -44.73 12.94
N GLU B 389 1.57 -45.65 12.45
CA GLU B 389 2.98 -45.31 12.21
C GLU B 389 3.11 -44.25 11.13
N TRP B 390 2.33 -44.39 10.05
CA TRP B 390 2.38 -43.41 8.98
C TRP B 390 1.97 -42.03 9.47
N VAL B 391 0.98 -41.96 10.37
CA VAL B 391 0.57 -40.67 10.93
C VAL B 391 1.64 -40.13 11.87
N SER B 392 2.20 -40.99 12.72
CA SER B 392 3.25 -40.56 13.65
C SER B 392 4.50 -40.08 12.92
N GLN B 393 4.64 -40.42 11.63
CA GLN B 393 5.74 -39.89 10.84
C GLN B 393 5.79 -38.36 10.85
N VAL B 394 4.63 -37.68 11.00
CA VAL B 394 4.62 -36.22 10.89
C VAL B 394 5.05 -35.52 12.17
N THR B 395 5.21 -36.24 13.27
CA THR B 395 5.67 -35.64 14.52
C THR B 395 7.13 -35.96 14.82
N SER B 396 7.81 -36.68 13.95
CA SER B 396 9.20 -37.04 14.17
C SER B 396 10.11 -35.84 13.93
N SER B 397 11.37 -35.97 14.35
CA SER B 397 12.34 -34.90 14.18
C SER B 397 12.80 -34.75 12.74
N SER B 398 12.62 -35.79 11.91
CA SER B 398 13.03 -35.74 10.51
C SER B 398 12.00 -35.07 9.62
N TRP B 399 10.86 -34.64 10.18
CA TRP B 399 9.84 -33.96 9.38
C TRP B 399 10.36 -32.65 8.81
N SER B 400 11.28 -31.99 9.51
CA SER B 400 11.84 -30.71 9.07
C SER B 400 13.15 -30.87 8.32
N GLN B 401 13.46 -32.07 7.84
CA GLN B 401 14.65 -32.31 7.03
C GLN B 401 14.25 -32.76 5.63
N PRO B 402 15.04 -32.41 4.61
CA PRO B 402 14.67 -32.77 3.24
C PRO B 402 14.77 -34.26 2.98
N ASN B 403 13.87 -34.74 2.13
CA ASN B 403 13.89 -36.11 1.63
C ASN B 403 14.00 -36.09 0.10
N GLU B 404 14.04 -37.29 -0.49
CA GLU B 404 14.24 -37.40 -1.94
C GLU B 404 13.08 -36.80 -2.72
N THR B 405 11.87 -36.82 -2.16
CA THR B 405 10.70 -36.28 -2.85
C THR B 405 10.84 -34.77 -3.07
N ASP B 406 11.50 -34.07 -2.13
CA ASP B 406 11.70 -32.64 -2.25
C ASP B 406 12.50 -32.27 -3.48
N TYR B 407 13.38 -33.16 -3.94
CA TYR B 407 14.09 -32.95 -5.19
C TYR B 407 13.38 -33.58 -6.38
N LYS B 408 12.63 -34.66 -6.14
CA LYS B 408 11.97 -35.35 -7.24
C LYS B 408 10.87 -34.51 -7.87
N PHE B 409 10.09 -33.80 -7.04
CA PHE B 409 8.96 -33.05 -7.60
C PHE B 409 9.40 -31.89 -8.51
N PRO B 410 10.27 -30.97 -8.09
CA PRO B 410 10.68 -29.90 -9.00
C PRO B 410 11.44 -30.40 -10.22
N ARG B 411 12.21 -31.48 -10.09
CA ARG B 411 12.91 -32.04 -11.24
C ARG B 411 11.93 -32.51 -12.29
N GLU B 412 10.85 -33.19 -11.88
CA GLU B 412 9.87 -33.67 -12.85
C GLU B 412 9.04 -32.53 -13.41
N LEU B 413 8.78 -31.47 -12.62
CA LEU B 413 8.12 -30.31 -13.20
C LEU B 413 8.99 -29.65 -14.28
N TRP B 414 10.28 -29.52 -14.00
CA TRP B 414 11.21 -28.96 -14.99
C TRP B 414 11.28 -29.82 -16.24
N ALA B 415 11.24 -31.15 -16.08
CA ALA B 415 11.25 -32.02 -17.24
C ALA B 415 9.93 -31.98 -18.00
N ALA B 416 8.81 -31.77 -17.31
CA ALA B 416 7.50 -31.75 -17.95
C ALA B 416 7.25 -30.45 -18.71
N LEU B 417 7.89 -29.36 -18.30
CA LEU B 417 7.66 -28.07 -18.96
C LEU B 417 7.84 -28.10 -20.47
N PRO B 418 8.93 -28.63 -21.03
CA PRO B 418 9.05 -28.62 -22.49
C PRO B 418 8.14 -29.62 -23.19
N ARG B 419 7.76 -30.72 -22.52
CA ARG B 419 6.93 -31.72 -23.15
C ARG B 419 5.48 -31.26 -23.29
N LEU B 420 5.02 -30.39 -22.38
CA LEU B 420 3.63 -29.96 -22.37
C LEU B 420 3.45 -28.48 -22.68
N ARG B 421 4.52 -27.70 -22.78
CA ARG B 421 4.39 -26.28 -23.06
C ARG B 421 5.34 -25.75 -24.12
N GLY B 422 6.39 -26.48 -24.49
CA GLY B 422 7.35 -26.03 -25.48
C GLY B 422 8.64 -25.53 -24.85
N GLU B 423 9.62 -25.29 -25.73
CA GLU B 423 10.95 -24.87 -25.28
C GLU B 423 10.97 -23.43 -24.78
N GLU B 424 10.11 -22.57 -25.35
CA GLU B 424 10.11 -21.17 -24.97
C GLU B 424 9.65 -20.97 -23.52
N PHE B 425 8.73 -21.81 -23.03
CA PHE B 425 8.34 -21.75 -21.63
C PHE B 425 9.53 -21.98 -20.71
N GLN B 426 10.30 -23.04 -20.98
CA GLN B 426 11.48 -23.34 -20.18
C GLN B 426 12.52 -22.23 -20.28
N ASN B 427 12.70 -21.69 -21.48
CA ASN B 427 13.66 -20.60 -21.66
C ASN B 427 13.25 -19.37 -20.87
N ARG B 428 11.96 -19.04 -20.86
CA ARG B 428 11.49 -17.89 -20.09
C ARG B 428 11.68 -18.12 -18.60
N LEU B 429 11.48 -19.36 -18.14
CA LEU B 429 11.75 -19.66 -16.75
C LEU B 429 13.23 -19.40 -16.41
N VAL B 430 14.13 -19.85 -17.28
CA VAL B 430 15.56 -19.62 -17.05
C VAL B 430 15.87 -18.13 -17.05
N VAL B 431 15.27 -17.38 -17.96
CA VAL B 431 15.54 -15.93 -18.05
C VAL B 431 15.06 -15.22 -16.79
N ASN B 432 13.85 -15.56 -16.31
CA ASN B 432 13.35 -14.94 -15.09
C ASN B 432 14.24 -15.27 -13.89
N MET B 433 14.65 -16.54 -13.77
CA MET B 433 15.53 -16.91 -12.66
C MET B 433 16.85 -16.16 -12.72
N ALA B 434 17.43 -16.03 -13.92
CA ALA B 434 18.70 -15.30 -14.04
C ALA B 434 18.52 -13.83 -13.70
N GLU B 435 17.42 -13.22 -14.14
CA GLU B 435 17.17 -11.82 -13.82
C GLU B 435 17.08 -11.61 -12.31
N SER B 436 16.43 -12.55 -11.60
CA SER B 436 16.35 -12.42 -10.15
C SER B 436 17.71 -12.65 -9.49
N VAL B 437 18.44 -13.69 -9.91
CA VAL B 437 19.65 -14.08 -9.21
C VAL B 437 20.79 -13.09 -9.47
N SER B 438 20.76 -12.38 -10.59
CA SER B 438 21.86 -11.46 -10.89
C SER B 438 21.89 -10.22 -9.98
N GLN B 439 21.07 -10.09 -8.94
CA GLN B 439 21.09 -8.92 -8.07
C GLN B 439 21.59 -9.23 -6.66
N ILE B 440 22.24 -10.37 -6.47
CA ILE B 440 22.64 -10.82 -5.13
C ILE B 440 24.15 -10.99 -5.14
N PRO B 441 24.77 -11.00 -3.95
CA PRO B 441 26.23 -11.13 -3.89
C PRO B 441 26.73 -12.47 -4.41
N GLU B 442 28.02 -12.50 -4.75
CA GLU B 442 28.60 -13.61 -5.50
C GLU B 442 28.56 -14.92 -4.72
N ASP B 443 28.86 -14.88 -3.42
CA ASP B 443 28.84 -16.10 -2.62
C ASP B 443 27.44 -16.72 -2.56
N LEU B 444 26.42 -15.86 -2.38
CA LEU B 444 25.05 -16.35 -2.46
C LEU B 444 24.71 -16.87 -3.84
N ARG B 445 25.28 -16.26 -4.88
CA ARG B 445 25.07 -16.76 -6.24
C ARG B 445 25.61 -18.18 -6.41
N GLN B 446 26.82 -18.43 -5.89
CA GLN B 446 27.38 -19.77 -5.94
C GLN B 446 26.55 -20.76 -5.13
N LYS B 447 26.05 -20.33 -3.97
CA LYS B 447 25.18 -21.18 -3.17
C LYS B 447 23.90 -21.53 -3.94
N VAL B 448 23.33 -20.56 -4.64
CA VAL B 448 22.13 -20.81 -5.44
C VAL B 448 22.42 -21.78 -6.56
N TYR B 449 23.59 -21.64 -7.22
CA TYR B 449 23.96 -22.58 -8.27
C TYR B 449 24.07 -24.00 -7.72
N LYS B 450 24.71 -24.15 -6.56
CA LYS B 450 24.83 -25.48 -5.95
C LYS B 450 23.46 -26.05 -5.58
N THR B 451 22.58 -25.20 -5.05
CA THR B 451 21.24 -25.67 -4.70
C THR B 451 20.46 -26.11 -5.94
N LEU B 452 20.57 -25.36 -7.03
CA LEU B 452 19.88 -25.72 -8.26
C LEU B 452 20.46 -26.98 -8.88
N ALA B 453 21.74 -27.26 -8.64
CA ALA B 453 22.34 -28.47 -9.19
C ALA B 453 21.69 -29.73 -8.64
N LEU B 454 21.13 -29.67 -7.43
CA LEU B 454 20.49 -30.84 -6.84
C LEU B 454 19.18 -31.19 -7.52
N VAL B 455 18.59 -30.27 -8.29
CA VAL B 455 17.36 -30.53 -9.01
C VAL B 455 17.71 -31.11 -10.38
N ALA B 456 18.46 -30.34 -11.17
CA ALA B 456 18.91 -30.80 -12.48
C ALA B 456 20.19 -30.06 -12.85
N GLU B 457 21.13 -30.76 -13.46
CA GLU B 457 22.41 -30.15 -13.81
C GLU B 457 22.25 -29.13 -14.93
N ASP B 458 21.44 -29.46 -15.94
CA ASP B 458 21.27 -28.56 -17.07
C ASP B 458 20.60 -27.24 -16.64
N LEU B 459 19.62 -27.32 -15.75
CA LEU B 459 18.97 -26.11 -15.27
C LEU B 459 19.96 -25.21 -14.54
N ALA B 460 20.77 -25.80 -13.65
CA ALA B 460 21.76 -25.02 -12.91
C ALA B 460 22.79 -24.41 -13.85
N SER B 461 23.27 -25.19 -14.83
CA SER B 461 24.28 -24.67 -15.74
C SER B 461 23.74 -23.54 -16.60
N ARG B 462 22.51 -23.68 -17.11
CA ARG B 462 21.92 -22.64 -17.93
C ARG B 462 21.68 -21.37 -17.11
N VAL B 463 21.15 -21.51 -15.90
CA VAL B 463 20.91 -20.35 -15.06
C VAL B 463 22.24 -19.67 -14.70
N GLU B 464 23.27 -20.45 -14.41
CA GLU B 464 24.56 -19.87 -14.06
C GLU B 464 25.16 -19.10 -15.24
N SER B 465 25.10 -19.68 -16.43
CA SER B 465 25.63 -18.99 -17.60
C SER B 465 24.90 -17.67 -17.85
N LEU B 466 23.57 -17.72 -17.82
CA LEU B 466 22.80 -16.50 -18.07
C LEU B 466 23.05 -15.44 -16.99
N THR B 467 23.08 -15.86 -15.72
CA THR B 467 23.28 -14.92 -14.62
C THR B 467 24.67 -14.28 -14.69
N GLU B 468 25.70 -15.08 -15.00
CA GLU B 468 27.04 -14.52 -15.11
C GLU B 468 27.13 -13.54 -16.29
N GLU B 469 26.42 -13.84 -17.39
CA GLU B 469 26.37 -12.87 -18.48
C GLU B 469 25.63 -11.60 -18.06
N MET B 470 24.65 -11.71 -17.16
CA MET B 470 23.82 -10.56 -16.83
C MET B 470 24.55 -9.59 -15.91
N VAL B 471 25.33 -10.09 -14.95
CA VAL B 471 26.05 -9.21 -14.04
C VAL B 471 27.20 -8.53 -14.77
#